data_3IXA
#
_entry.id   3IXA
#
_cell.length_a   60.891
_cell.length_b   85.295
_cell.length_c   82.484
_cell.angle_alpha   90.000
_cell.angle_beta   89.840
_cell.angle_gamma   90.000
#
_symmetry.space_group_name_H-M   'P 1 21 1'
#
loop_
_entity.id
_entity.type
_entity.pdbx_description
1 polymer 'HLA class I histocompatibility antigen, A-2 alpha chain'
2 polymer Beta-2-microglobulin
3 polymer 'Tax peptide'
4 non-polymer GLYCEROL
5 water water
#
loop_
_entity_poly.entity_id
_entity_poly.type
_entity_poly.pdbx_seq_one_letter_code
_entity_poly.pdbx_strand_id
1 'polypeptide(L)'
;GSHSMRYFFTSVSRPGRGEPRFIAVGYVDDTQFVRFDSDAASQRMEPRAPWIEQEGPEYWDGETRKVKAHSQTHRVDLGT
LRGYYNQSEAGSHTVQRMYGCDVGSDWRFLRGYHQYAYDGKDYIALKEDLRSWTAADMAAQTTKHKWEAPHVAEQLRAYL
EGTCVEWLRRYLENGKETLQRTDAPKTHMTHHAVSDHEATLRCWALSFYPAEITLTWQRDGEDQTQDTELVETRPAGDGT
FQKWAAVVVPSGQEQRYTCHVQHEGLPKPLTLRWE
;
A,D
2 'polypeptide(L)'
;MIQRTPKIQVYSRHPAENGKSNFLNCYVSGFHPSDIEVDLLKNGERIEKVEHSDLSFSKDWSFYLLYYTEFTPTEKDEYA
CRVNHVTLSQPKIVKWDRDM
;
B,E
3 'polypeptide(L)' LLFGYPVYV C,F
#
# COMPACT_ATOMS: atom_id res chain seq x y z
N GLY A 1 -0.22 -4.53 5.85
CA GLY A 1 -1.46 -4.51 5.04
C GLY A 1 -1.71 -3.23 4.25
N SER A 2 -2.80 -3.23 3.50
CA SER A 2 -3.20 -2.06 2.73
C SER A 2 -3.87 -1.05 3.71
N HIS A 3 -3.88 0.26 3.37
CA HIS A 3 -4.47 1.27 4.27
C HIS A 3 -5.33 2.33 3.57
N SER A 4 -6.18 3.02 4.34
CA SER A 4 -7.04 4.02 3.76
C SER A 4 -7.25 5.24 4.65
N MET A 5 -7.50 6.39 4.03
CA MET A 5 -7.94 7.54 4.79
C MET A 5 -9.21 7.99 4.15
N ARG A 6 -10.27 8.19 4.95
CA ARG A 6 -11.59 8.59 4.45
C ARG A 6 -12.17 9.71 5.29
N TYR A 7 -12.79 10.70 4.65
CA TYR A 7 -13.62 11.66 5.35
C TYR A 7 -15.07 11.47 4.96
N PHE A 8 -15.98 11.67 5.90
CA PHE A 8 -17.40 11.41 5.73
C PHE A 8 -18.11 12.65 6.22
N PHE A 9 -19.06 13.14 5.45
CA PHE A 9 -19.70 14.41 5.74
C PHE A 9 -21.16 14.21 5.58
N THR A 10 -21.94 14.70 6.54
CA THR A 10 -23.39 14.60 6.45
C THR A 10 -23.90 16.00 6.74
N SER A 11 -24.83 16.47 5.92
CA SER A 11 -25.62 17.67 6.15
C SER A 11 -27.08 17.42 6.01
N VAL A 12 -27.87 17.86 6.99
CA VAL A 12 -29.30 17.63 7.06
C VAL A 12 -30.03 18.98 7.20
N SER A 13 -30.87 19.36 6.25
CA SER A 13 -31.56 20.65 6.36
C SER A 13 -32.64 20.53 7.39
N ARG A 14 -32.93 21.63 8.10
CA ARG A 14 -34.03 21.59 9.06
C ARG A 14 -34.85 22.86 9.02
N PRO A 15 -35.77 22.95 8.02
CA PRO A 15 -36.57 24.16 7.72
C PRO A 15 -37.35 24.61 8.94
N GLY A 16 -37.28 25.91 9.23
CA GLY A 16 -37.96 26.51 10.39
C GLY A 16 -37.22 26.42 11.72
N ARG A 17 -36.34 25.42 11.84
CA ARG A 17 -35.56 25.15 13.04
C ARG A 17 -34.07 25.51 12.84
N GLY A 18 -33.79 26.62 12.16
CA GLY A 18 -32.42 27.12 12.04
C GLY A 18 -31.57 26.47 10.95
N GLU A 19 -30.25 26.57 11.10
CA GLU A 19 -29.24 26.14 10.11
C GLU A 19 -29.21 24.63 9.90
N PRO A 20 -28.76 24.16 8.73
CA PRO A 20 -28.65 22.70 8.63
C PRO A 20 -27.57 22.06 9.57
N ARG A 21 -27.83 20.84 10.05
CA ARG A 21 -26.87 20.06 10.86
C ARG A 21 -25.74 19.66 9.93
N PHE A 22 -24.50 19.75 10.40
CA PHE A 22 -23.36 19.36 9.63
C PHE A 22 -22.44 18.57 10.56
N ILE A 23 -22.06 17.38 10.12
CA ILE A 23 -21.17 16.52 10.85
C ILE A 23 -20.10 16.01 9.91
N ALA A 24 -18.85 16.09 10.32
CA ALA A 24 -17.77 15.59 9.50
C ALA A 24 -16.92 14.70 10.38
N VAL A 25 -16.47 13.56 9.87
CA VAL A 25 -15.57 12.67 10.61
C VAL A 25 -14.49 12.21 9.66
N GLY A 26 -13.28 12.07 10.18
CA GLY A 26 -12.25 11.43 9.39
C GLY A 26 -11.75 10.20 10.06
N TYR A 27 -11.30 9.26 9.24
CA TYR A 27 -10.90 7.93 9.67
C TYR A 27 -9.63 7.56 8.99
N VAL A 28 -8.73 6.89 9.71
CA VAL A 28 -7.67 6.15 9.03
C VAL A 28 -8.02 4.69 9.27
N ASP A 29 -8.21 3.93 8.18
CA ASP A 29 -8.73 2.54 8.23
C ASP A 29 -10.00 2.57 9.04
N ASP A 30 -10.11 1.79 10.12
CA ASP A 30 -11.37 1.84 10.90
C ASP A 30 -11.21 2.60 12.24
N THR A 31 -10.25 3.53 12.30
CA THR A 31 -10.02 4.35 13.49
C THR A 31 -10.34 5.77 13.21
N GLN A 32 -11.31 6.31 13.95
CA GLN A 32 -11.68 7.73 13.77
C GLN A 32 -10.57 8.64 14.36
N PHE A 33 -10.20 9.69 13.65
CA PHE A 33 -9.20 10.60 14.25
C PHE A 33 -9.62 12.03 14.49
N VAL A 34 -10.63 12.50 13.75
CA VAL A 34 -11.12 13.90 13.88
C VAL A 34 -12.61 13.99 13.74
N ARG A 35 -13.22 15.01 14.37
CA ARG A 35 -14.62 15.32 14.14
CA ARG A 35 -14.61 15.31 14.13
C ARG A 35 -14.85 16.82 14.06
N PHE A 36 -15.92 17.19 13.34
CA PHE A 36 -16.54 18.52 13.47
C PHE A 36 -18.04 18.33 13.63
N ASP A 37 -18.67 19.05 14.54
CA ASP A 37 -20.12 19.03 14.63
C ASP A 37 -20.63 20.46 14.74
N SER A 38 -21.47 20.86 13.78
CA SER A 38 -22.13 22.16 13.82
C SER A 38 -22.94 22.45 15.10
N ASP A 39 -23.37 21.45 15.82
CA ASP A 39 -24.16 21.75 17.01
C ASP A 39 -23.32 21.84 18.30
N ALA A 40 -22.04 21.47 18.24
CA ALA A 40 -21.19 21.52 19.44
C ALA A 40 -20.73 22.96 19.78
N ALA A 41 -20.23 23.11 21.00
CA ALA A 41 -19.78 24.40 21.55
C ALA A 41 -18.59 25.01 20.81
N SER A 42 -17.59 24.18 20.47
CA SER A 42 -16.25 24.67 20.08
C SER A 42 -16.19 25.35 18.71
N GLN A 43 -16.98 24.85 17.74
CA GLN A 43 -16.91 25.27 16.36
C GLN A 43 -15.49 25.08 15.76
N ARG A 44 -14.82 24.00 16.14
CA ARG A 44 -13.46 23.68 15.67
C ARG A 44 -13.44 22.24 15.30
N MET A 45 -12.54 21.87 14.39
CA MET A 45 -12.18 20.48 14.15
C MET A 45 -11.54 19.96 15.41
N GLU A 46 -11.95 18.78 15.86
CA GLU A 46 -11.54 18.27 17.20
C GLU A 46 -10.81 16.93 17.09
N PRO A 47 -9.75 16.73 17.90
CA PRO A 47 -9.05 15.44 17.90
C PRO A 47 -9.94 14.33 18.50
N ARG A 48 -9.80 13.12 17.97
CA ARG A 48 -10.54 11.95 18.46
C ARG A 48 -9.63 10.74 18.54
N ALA A 49 -8.34 10.91 18.25
CA ALA A 49 -7.37 9.82 18.39
C ALA A 49 -6.20 10.44 19.13
N PRO A 50 -5.57 9.70 20.06
CA PRO A 50 -4.38 10.25 20.77
C PRO A 50 -3.23 10.75 19.85
N TRP A 51 -2.91 10.02 18.79
CA TRP A 51 -1.83 10.38 17.84
C TRP A 51 -1.99 11.68 17.02
N ILE A 52 -3.21 12.12 16.78
CA ILE A 52 -3.43 13.39 16.04
C ILE A 52 -3.23 14.60 16.94
N GLU A 53 -3.27 14.42 18.27
CA GLU A 53 -3.14 15.53 19.26
C GLU A 53 -1.81 16.32 19.14
N GLN A 54 -0.77 15.65 18.65
CA GLN A 54 0.57 16.21 18.49
C GLN A 54 0.65 17.22 17.33
N GLU A 55 -0.36 17.30 16.44
CA GLU A 55 -0.40 18.32 15.40
C GLU A 55 -0.49 19.71 15.98
N GLY A 56 0.23 20.66 15.37
CA GLY A 56 0.31 22.04 15.86
C GLY A 56 -0.91 22.91 15.53
N PRO A 57 -0.90 24.16 15.99
CA PRO A 57 -2.03 25.05 15.79
C PRO A 57 -2.33 25.39 14.31
N GLU A 58 -1.32 25.36 13.44
CA GLU A 58 -1.56 25.56 12.00
C GLU A 58 -2.43 24.46 11.43
N TYR A 59 -2.24 23.24 11.92
CA TYR A 59 -3.10 22.15 11.54
C TYR A 59 -4.55 22.39 11.98
N TRP A 60 -4.76 22.56 13.29
CA TRP A 60 -6.12 22.81 13.82
C TRP A 60 -6.88 24.01 13.22
N ASP A 61 -6.22 25.16 13.11
CA ASP A 61 -6.80 26.36 12.48
C ASP A 61 -7.15 26.11 11.00
N GLY A 62 -6.27 25.41 10.27
CA GLY A 62 -6.47 25.18 8.83
C GLY A 62 -7.57 24.15 8.54
N GLU A 63 -7.58 23.05 9.29
CA GLU A 63 -8.66 22.04 9.19
C GLU A 63 -10.05 22.60 9.57
N THR A 64 -10.07 23.49 10.58
CA THR A 64 -11.30 24.21 10.99
C THR A 64 -11.81 25.14 9.87
N ARG A 65 -10.93 26.00 9.34
CA ARG A 65 -11.24 26.78 8.13
C ARG A 65 -11.78 25.87 6.99
N LYS A 66 -11.04 24.79 6.69
CA LYS A 66 -11.43 23.84 5.64
C LYS A 66 -12.75 23.12 5.89
N VAL A 67 -12.93 22.61 7.11
CA VAL A 67 -14.19 21.93 7.40
C VAL A 67 -15.38 22.89 7.35
N LYS A 68 -15.14 24.17 7.65
CA LYS A 68 -16.23 25.14 7.61
C LYS A 68 -16.60 25.51 6.17
N ALA A 69 -15.61 25.60 5.28
CA ALA A 69 -15.87 25.68 3.84
C ALA A 69 -16.68 24.50 3.30
N HIS A 70 -16.48 23.27 3.82
CA HIS A 70 -17.29 22.08 3.41
C HIS A 70 -18.72 22.32 3.89
N SER A 71 -18.85 22.78 5.14
CA SER A 71 -20.15 23.11 5.74
C SER A 71 -20.96 24.12 4.92
N GLN A 72 -20.33 25.25 4.63
CA GLN A 72 -20.88 26.27 3.77
C GLN A 72 -21.21 25.74 2.34
N THR A 73 -20.35 24.91 1.76
CA THR A 73 -20.60 24.31 0.45
C THR A 73 -21.90 23.49 0.49
N HIS A 74 -22.06 22.68 1.54
CA HIS A 74 -23.26 21.85 1.71
C HIS A 74 -24.54 22.62 1.99
N ARG A 75 -24.39 23.73 2.69
CA ARG A 75 -25.49 24.58 2.96
C ARG A 75 -26.03 25.17 1.64
N VAL A 76 -25.16 25.58 0.73
CA VAL A 76 -25.61 26.02 -0.60
C VAL A 76 -26.23 24.87 -1.43
N ASP A 77 -25.54 23.72 -1.48
CA ASP A 77 -26.02 22.47 -2.16
C ASP A 77 -27.45 22.06 -1.85
N LEU A 78 -27.77 22.03 -0.55
CA LEU A 78 -29.15 21.80 -0.07
C LEU A 78 -30.21 22.65 -0.77
N GLY A 79 -29.97 23.96 -0.90
CA GLY A 79 -30.84 24.84 -1.71
C GLY A 79 -30.79 24.51 -3.21
N THR A 80 -29.58 24.26 -3.73
CA THR A 80 -29.39 23.93 -5.15
C THR A 80 -30.16 22.68 -5.50
N LEU A 81 -30.01 21.60 -4.71
CA LEU A 81 -30.64 20.32 -5.03
C LEU A 81 -32.15 20.33 -4.90
N ARG A 82 -32.63 21.08 -3.92
CA ARG A 82 -34.07 21.32 -3.79
C ARG A 82 -34.67 22.05 -5.04
N GLY A 83 -33.87 22.94 -5.65
CA GLY A 83 -34.25 23.63 -6.89
C GLY A 83 -34.16 22.67 -8.08
N TYR A 84 -33.08 21.86 -8.17
CA TYR A 84 -32.89 20.83 -9.24
C TYR A 84 -34.01 19.78 -9.30
N TYR A 85 -34.44 19.30 -8.14
CA TYR A 85 -35.50 18.30 -8.04
C TYR A 85 -36.91 18.82 -7.77
N ASN A 86 -37.08 20.13 -7.82
CA ASN A 86 -38.35 20.82 -7.58
C ASN A 86 -39.06 20.42 -6.28
N GLN A 87 -38.30 20.39 -5.18
CA GLN A 87 -38.84 20.01 -3.86
C GLN A 87 -39.27 21.23 -3.06
N SER A 88 -40.09 21.02 -2.05
CA SER A 88 -40.65 22.15 -1.35
C SER A 88 -39.66 22.60 -0.31
N GLU A 89 -39.91 23.80 0.20
CA GLU A 89 -39.10 24.43 1.21
C GLU A 89 -39.28 23.70 2.58
N ALA A 90 -40.42 23.03 2.77
CA ALA A 90 -40.85 22.49 4.07
C ALA A 90 -40.21 21.19 4.54
N GLY A 91 -39.63 20.39 3.64
CA GLY A 91 -39.10 19.07 4.03
C GLY A 91 -37.65 19.07 4.42
N SER A 92 -37.26 18.07 5.21
CA SER A 92 -35.88 17.89 5.54
C SER A 92 -35.18 17.03 4.48
N HIS A 93 -34.02 17.46 4.00
CA HIS A 93 -33.20 16.68 3.07
C HIS A 93 -31.77 16.45 3.53
N THR A 94 -31.15 15.37 3.06
CA THR A 94 -29.81 14.98 3.51
C THR A 94 -28.86 15.01 2.33
N VAL A 95 -27.66 15.57 2.49
CA VAL A 95 -26.56 15.36 1.55
C VAL A 95 -25.44 14.66 2.34
N GLN A 96 -24.80 13.72 1.66
CA GLN A 96 -23.68 12.98 2.22
C GLN A 96 -22.57 13.02 1.20
N ARG A 97 -21.35 13.04 1.71
CA ARG A 97 -20.16 13.14 0.89
C ARG A 97 -19.09 12.24 1.55
N MET A 98 -18.41 11.47 0.74
CA MET A 98 -17.28 10.75 1.22
C MET A 98 -16.18 10.88 0.20
N TYR A 99 -14.97 11.17 0.65
CA TYR A 99 -13.84 11.04 -0.26
C TYR A 99 -12.67 10.43 0.50
N GLY A 100 -11.64 10.02 -0.23
CA GLY A 100 -10.41 9.64 0.40
C GLY A 100 -9.52 8.85 -0.52
N CYS A 101 -8.56 8.12 0.04
CA CYS A 101 -7.62 7.38 -0.80
C CYS A 101 -7.18 6.08 -0.17
N ASP A 102 -6.89 5.08 -1.01
CA ASP A 102 -6.32 3.83 -0.54
C ASP A 102 -4.83 3.79 -0.95
N VAL A 103 -4.02 3.15 -0.11
CA VAL A 103 -2.66 2.78 -0.46
C VAL A 103 -2.49 1.26 -0.31
N GLY A 104 -1.62 0.69 -1.13
CA GLY A 104 -1.28 -0.73 -0.99
C GLY A 104 -0.38 -0.98 0.21
N SER A 105 0.14 -2.19 0.30
CA SER A 105 0.96 -2.53 1.46
C SER A 105 2.41 -1.96 1.38
N ASP A 106 2.78 -1.44 0.20
CA ASP A 106 4.01 -0.66 0.00
C ASP A 106 3.81 0.85 0.24
N TRP A 107 2.61 1.21 0.68
CA TRP A 107 2.18 2.57 0.98
C TRP A 107 2.09 3.52 -0.22
N ARG A 108 2.15 2.98 -1.43
CA ARG A 108 1.95 3.78 -2.61
C ARG A 108 0.48 3.79 -2.96
N PHE A 109 0.02 4.93 -3.50
CA PHE A 109 -1.34 5.16 -4.01
C PHE A 109 -1.93 3.97 -4.74
N LEU A 110 -3.14 3.58 -4.32
CA LEU A 110 -3.85 2.51 -5.02
C LEU A 110 -5.04 3.12 -5.70
N ARG A 111 -5.86 3.85 -4.94
CA ARG A 111 -7.03 4.44 -5.56
C ARG A 111 -7.51 5.65 -4.77
N GLY A 112 -8.22 6.53 -5.45
CA GLY A 112 -8.75 7.72 -4.83
C GLY A 112 -10.21 7.78 -5.22
N TYR A 113 -11.03 8.36 -4.35
CA TYR A 113 -12.49 8.30 -4.57
C TYR A 113 -13.14 9.54 -4.01
N HIS A 114 -14.33 9.84 -4.51
CA HIS A 114 -15.14 10.98 -4.08
C HIS A 114 -16.56 10.79 -4.60
N GLN A 115 -17.49 10.55 -3.65
CA GLN A 115 -18.85 10.11 -3.89
C GLN A 115 -19.77 11.06 -3.14
N TYR A 116 -20.92 11.35 -3.71
CA TYR A 116 -21.87 12.27 -3.12
C TYR A 116 -23.24 11.65 -3.22
N ALA A 117 -24.07 11.79 -2.17
CA ALA A 117 -25.46 11.33 -2.22
C ALA A 117 -26.46 12.39 -1.78
N TYR A 118 -27.69 12.27 -2.27
CA TYR A 118 -28.78 13.20 -1.93
C TYR A 118 -29.93 12.31 -1.54
N ASP A 119 -30.41 12.49 -0.32
CA ASP A 119 -31.48 11.69 0.26
C ASP A 119 -31.21 10.17 0.26
N GLY A 120 -29.96 9.80 0.56
CA GLY A 120 -29.56 8.40 0.61
C GLY A 120 -29.37 7.65 -0.68
N LYS A 121 -29.43 8.34 -1.82
CA LYS A 121 -29.33 7.74 -3.13
C LYS A 121 -28.07 8.27 -3.76
N ASP A 122 -27.33 7.45 -4.51
CA ASP A 122 -26.18 7.88 -5.31
C ASP A 122 -26.47 9.13 -6.15
N TYR A 123 -25.56 10.09 -6.10
CA TYR A 123 -25.79 11.31 -6.88
C TYR A 123 -24.74 11.39 -7.96
N ILE A 124 -23.48 11.48 -7.55
CA ILE A 124 -22.37 11.49 -8.44
C ILE A 124 -21.20 10.81 -7.73
N ALA A 125 -20.29 10.23 -8.50
CA ALA A 125 -19.12 9.53 -7.95
C ALA A 125 -18.03 9.55 -9.01
N LEU A 126 -16.81 9.72 -8.54
CA LEU A 126 -15.62 9.84 -9.36
C LEU A 126 -15.13 8.46 -9.73
N LYS A 127 -14.80 8.26 -11.00
CA LYS A 127 -14.21 6.99 -11.43
C LYS A 127 -12.71 6.89 -11.06
N GLU A 128 -12.17 5.69 -11.21
CA GLU A 128 -10.79 5.35 -10.81
C GLU A 128 -9.73 6.19 -11.51
N ASP A 129 -10.04 6.65 -12.74
CA ASP A 129 -9.15 7.53 -13.50
C ASP A 129 -9.01 8.98 -12.94
N LEU A 130 -9.81 9.31 -11.91
CA LEU A 130 -9.86 10.62 -11.20
C LEU A 130 -10.19 11.79 -12.12
N ARG A 131 -10.88 11.50 -13.22
CA ARG A 131 -11.20 12.48 -14.24
C ARG A 131 -12.67 12.39 -14.62
N SER A 132 -13.19 11.17 -14.77
CA SER A 132 -14.60 11.00 -15.17
C SER A 132 -15.58 10.75 -14.01
N TRP A 133 -16.71 11.43 -14.05
CA TRP A 133 -17.76 11.25 -13.07
C TRP A 133 -18.88 10.37 -13.61
N THR A 134 -19.43 9.53 -12.74
CA THR A 134 -20.61 8.74 -13.04
C THR A 134 -21.71 9.52 -12.40
N ALA A 135 -22.63 10.00 -13.23
CA ALA A 135 -23.73 10.81 -12.79
C ALA A 135 -25.04 10.03 -12.82
N ALA A 136 -25.78 10.11 -11.71
CA ALA A 136 -27.05 9.37 -11.52
C ALA A 136 -28.17 9.75 -12.50
N ASP A 137 -28.42 11.05 -12.69
CA ASP A 137 -29.55 11.52 -13.50
C ASP A 137 -29.16 12.81 -14.17
N MET A 138 -30.14 13.57 -14.65
CA MET A 138 -29.90 14.81 -15.39
C MET A 138 -29.34 15.94 -14.50
N ALA A 139 -29.90 16.04 -13.31
CA ALA A 139 -29.42 16.94 -12.28
C ALA A 139 -27.93 16.72 -11.97
N ALA A 140 -27.53 15.48 -11.76
CA ALA A 140 -26.11 15.18 -11.53
C ALA A 140 -25.18 15.40 -12.73
N GLN A 141 -25.70 15.39 -13.96
CA GLN A 141 -24.90 15.69 -15.15
C GLN A 141 -24.48 17.16 -15.20
N THR A 142 -25.37 18.05 -14.73
CA THR A 142 -25.08 19.48 -14.47
C THR A 142 -23.91 19.62 -13.48
N THR A 143 -23.97 18.86 -12.39
CA THR A 143 -22.86 18.79 -11.40
C THR A 143 -21.56 18.30 -12.03
N LYS A 144 -21.65 17.22 -12.81
CA LYS A 144 -20.54 16.64 -13.55
C LYS A 144 -19.78 17.66 -14.39
N HIS A 145 -20.51 18.46 -15.15
CA HIS A 145 -19.94 19.54 -16.01
C HIS A 145 -19.18 20.63 -15.22
N LYS A 146 -19.78 21.13 -14.14
CA LYS A 146 -19.07 21.97 -13.15
C LYS A 146 -17.77 21.31 -12.67
N TRP A 147 -17.86 20.08 -12.17
CA TRP A 147 -16.74 19.48 -11.48
C TRP A 147 -15.66 18.93 -12.39
N GLU A 148 -15.97 18.74 -13.68
CA GLU A 148 -14.97 18.26 -14.64
C GLU A 148 -14.24 19.41 -15.41
N ALA A 149 -14.55 20.66 -15.07
CA ALA A 149 -13.76 21.83 -15.54
C ALA A 149 -12.33 21.66 -15.07
N PRO A 150 -11.34 21.82 -15.97
CA PRO A 150 -9.95 21.39 -15.72
C PRO A 150 -9.24 21.90 -14.46
N HIS A 151 -9.60 23.09 -13.98
CA HIS A 151 -8.95 23.70 -12.80
C HIS A 151 -9.39 22.94 -11.58
N VAL A 152 -10.68 22.64 -11.56
CA VAL A 152 -11.35 22.05 -10.43
C VAL A 152 -10.94 20.58 -10.33
N ALA A 153 -10.95 19.92 -11.50
CA ALA A 153 -10.57 18.52 -11.63
C ALA A 153 -9.14 18.29 -11.17
N GLU A 154 -8.23 19.21 -11.52
CA GLU A 154 -6.87 19.20 -11.02
C GLU A 154 -6.66 19.38 -9.49
N GLN A 155 -7.41 20.27 -8.83
CA GLN A 155 -7.28 20.41 -7.36
C GLN A 155 -7.64 19.09 -6.69
N LEU A 156 -8.71 18.45 -7.18
CA LEU A 156 -9.15 17.16 -6.64
C LEU A 156 -8.14 16.06 -6.88
N ARG A 157 -7.63 16.00 -8.09
CA ARG A 157 -6.59 15.05 -8.49
C ARG A 157 -5.37 15.17 -7.61
N ALA A 158 -4.86 16.39 -7.48
CA ALA A 158 -3.67 16.66 -6.66
C ALA A 158 -3.93 16.36 -5.20
N TYR A 159 -5.16 16.50 -4.74
CA TYR A 159 -5.47 16.07 -3.37
C TYR A 159 -5.39 14.53 -3.22
N LEU A 160 -6.09 13.82 -4.09
CA LEU A 160 -6.34 12.37 -3.86
C LEU A 160 -5.13 11.51 -4.13
N GLU A 161 -4.36 11.93 -5.12
CA GLU A 161 -3.25 11.18 -5.61
C GLU A 161 -1.96 11.62 -4.93
N GLY A 162 -1.98 12.81 -4.33
CA GLY A 162 -0.80 13.36 -3.66
C GLY A 162 -0.99 13.60 -2.17
N THR A 163 -1.64 14.69 -1.83
CA THR A 163 -1.79 15.16 -0.45
C THR A 163 -2.41 14.14 0.49
N CYS A 164 -3.50 13.52 0.00
CA CYS A 164 -4.24 12.52 0.79
C CYS A 164 -3.30 11.40 1.16
N VAL A 165 -2.61 10.88 0.15
CA VAL A 165 -1.59 9.88 0.32
C VAL A 165 -0.44 10.26 1.28
N GLU A 166 0.12 11.46 1.13
CA GLU A 166 1.24 11.93 2.00
C GLU A 166 0.83 12.05 3.45
N TRP A 167 -0.38 12.57 3.68
CA TRP A 167 -0.85 12.75 5.04
C TRP A 167 -1.29 11.43 5.68
N LEU A 168 -1.87 10.51 4.89
CA LEU A 168 -2.16 9.13 5.39
C LEU A 168 -0.86 8.45 5.93
N ARG A 169 0.19 8.51 5.14
CA ARG A 169 1.49 7.97 5.53
C ARG A 169 2.05 8.60 6.79
N ARG A 170 2.01 9.93 6.86
CA ARG A 170 2.34 10.66 8.09
C ARG A 170 1.56 10.18 9.33
N TYR A 171 0.27 10.02 9.16
CA TYR A 171 -0.61 9.53 10.22
C TYR A 171 -0.29 8.11 10.62
N LEU A 172 -0.06 7.24 9.62
CA LEU A 172 0.39 5.87 9.85
C LEU A 172 1.70 5.78 10.67
N GLU A 173 2.66 6.64 10.36
CA GLU A 173 3.89 6.75 11.12
C GLU A 173 3.64 7.29 12.55
N ASN A 174 2.93 8.40 12.66
CA ASN A 174 2.73 9.06 13.96
C ASN A 174 1.87 8.23 14.92
N GLY A 175 0.96 7.47 14.33
CA GLY A 175 0.06 6.60 15.09
C GLY A 175 0.32 5.12 14.92
N LYS A 176 1.61 4.76 14.79
CA LYS A 176 2.08 3.39 14.60
C LYS A 176 1.43 2.31 15.47
N GLU A 177 1.35 2.54 16.78
CA GLU A 177 0.92 1.49 17.74
C GLU A 177 -0.56 1.12 17.62
N THR A 178 -1.36 2.11 17.21
CA THR A 178 -2.78 2.01 16.96
C THR A 178 -3.05 1.54 15.56
N LEU A 179 -2.38 2.17 14.60
CA LEU A 179 -2.80 2.03 13.21
C LEU A 179 -2.08 0.96 12.48
N GLN A 180 -0.80 0.71 12.81
CA GLN A 180 -0.11 -0.38 12.11
C GLN A 180 -0.22 -1.69 12.90
N ARG A 181 -1.43 -2.06 13.29
CA ARG A 181 -1.62 -3.23 14.10
C ARG A 181 -2.70 -4.13 13.49
N THR A 182 -2.57 -5.41 13.80
CA THR A 182 -3.55 -6.38 13.44
C THR A 182 -3.88 -7.16 14.70
N ASP A 183 -5.16 -7.17 15.07
CA ASP A 183 -5.64 -7.96 16.20
C ASP A 183 -6.49 -9.09 15.62
N ALA A 184 -6.00 -10.31 15.84
CA ALA A 184 -6.68 -11.54 15.43
C ALA A 184 -7.95 -11.71 16.24
N PRO A 185 -9.06 -12.13 15.58
CA PRO A 185 -10.29 -12.38 16.37
C PRO A 185 -10.08 -13.49 17.42
N LYS A 186 -10.61 -13.27 18.61
CA LYS A 186 -10.74 -14.34 19.60
C LYS A 186 -12.08 -15.01 19.27
N THR A 187 -12.04 -16.30 19.01
CA THR A 187 -13.24 -17.00 18.56
C THR A 187 -13.71 -18.08 19.54
N HIS A 188 -15.02 -18.31 19.56
CA HIS A 188 -15.65 -19.38 20.33
C HIS A 188 -17.03 -19.64 19.74
N MET A 189 -17.67 -20.73 20.15
CA MET A 189 -19.04 -21.00 19.74
C MET A 189 -19.97 -21.11 20.92
N THR A 190 -21.24 -20.81 20.75
CA THR A 190 -22.16 -21.17 21.81
C THR A 190 -23.29 -21.99 21.27
N HIS A 191 -23.99 -22.67 22.16
CA HIS A 191 -25.06 -23.57 21.84
C HIS A 191 -26.19 -23.28 22.77
N HIS A 192 -27.40 -23.11 22.22
CA HIS A 192 -28.62 -22.91 23.03
C HIS A 192 -29.79 -23.67 22.44
N ALA A 193 -30.49 -24.46 23.25
CA ALA A 193 -31.70 -25.17 22.82
C ALA A 193 -32.88 -24.21 22.68
N VAL A 194 -33.47 -24.14 21.50
CA VAL A 194 -34.72 -23.37 21.33
C VAL A 194 -35.94 -24.23 21.57
N SER A 195 -35.75 -25.55 21.44
CA SER A 195 -36.75 -26.57 21.80
C SER A 195 -36.00 -27.85 22.16
N ASP A 196 -36.72 -28.96 22.36
CA ASP A 196 -36.02 -30.22 22.62
C ASP A 196 -35.65 -30.98 21.34
N HIS A 197 -35.87 -30.36 20.19
CA HIS A 197 -35.46 -30.91 18.92
C HIS A 197 -34.64 -29.93 18.10
N GLU A 198 -34.46 -28.71 18.59
CA GLU A 198 -33.66 -27.71 17.86
C GLU A 198 -32.77 -26.83 18.73
N ALA A 199 -31.63 -26.44 18.17
CA ALA A 199 -30.61 -25.68 18.86
C ALA A 199 -30.01 -24.60 17.99
N THR A 200 -29.73 -23.46 18.60
CA THR A 200 -29.02 -22.37 17.94
C THR A 200 -27.53 -22.57 18.16
N LEU A 201 -26.76 -22.64 17.08
CA LEU A 201 -25.30 -22.64 17.19
C LEU A 201 -24.81 -21.26 16.79
N ARG A 202 -23.99 -20.62 17.61
CA ARG A 202 -23.53 -19.25 17.30
C ARG A 202 -22.00 -19.17 17.34
N CYS A 203 -21.45 -18.74 16.23
CA CYS A 203 -20.03 -18.56 16.02
C CYS A 203 -19.59 -17.11 16.27
N TRP A 204 -18.71 -16.88 17.25
CA TRP A 204 -18.34 -15.53 17.67
C TRP A 204 -16.93 -15.13 17.28
N ALA A 205 -16.74 -13.87 16.88
CA ALA A 205 -15.39 -13.30 16.73
C ALA A 205 -15.33 -12.03 17.54
N LEU A 206 -14.43 -11.95 18.54
CA LEU A 206 -14.29 -10.81 19.43
C LEU A 206 -12.88 -10.17 19.30
N SER A 207 -12.75 -8.87 19.63
CA SER A 207 -11.44 -8.18 19.75
C SER A 207 -10.59 -8.15 18.50
N PHE A 208 -11.22 -7.96 17.35
CA PHE A 208 -10.45 -7.94 16.15
C PHE A 208 -10.29 -6.55 15.55
N TYR A 209 -9.19 -6.36 14.85
CA TYR A 209 -8.90 -5.12 14.13
C TYR A 209 -7.97 -5.52 12.99
N PRO A 210 -8.24 -5.04 11.74
CA PRO A 210 -9.32 -4.17 11.26
C PRO A 210 -10.73 -4.85 11.29
N ALA A 211 -11.76 -4.09 10.94
CA ALA A 211 -13.12 -4.58 11.01
C ALA A 211 -13.47 -5.67 10.00
N GLU A 212 -12.84 -5.64 8.83
CA GLU A 212 -13.09 -6.60 7.74
C GLU A 212 -12.89 -8.04 8.22
N ILE A 213 -13.95 -8.84 8.10
CA ILE A 213 -13.96 -10.21 8.53
C ILE A 213 -15.03 -11.01 7.74
N THR A 214 -14.79 -12.28 7.46
CA THR A 214 -15.81 -13.14 6.83
C THR A 214 -16.00 -14.31 7.79
N LEU A 215 -17.26 -14.54 8.15
CA LEU A 215 -17.66 -15.55 9.10
C LEU A 215 -18.78 -16.30 8.37
N THR A 216 -18.60 -17.60 8.12
CA THR A 216 -19.61 -18.37 7.34
C THR A 216 -19.80 -19.77 7.94
N TRP A 217 -21.02 -20.31 7.79
CA TRP A 217 -21.29 -21.64 8.31
C TRP A 217 -21.44 -22.62 7.18
N GLN A 218 -20.93 -23.81 7.40
CA GLN A 218 -21.02 -24.86 6.41
C GLN A 218 -21.70 -26.06 7.03
N ARG A 219 -22.48 -26.81 6.23
CA ARG A 219 -23.02 -28.13 6.67
C ARG A 219 -22.48 -29.19 5.73
N ASP A 220 -21.73 -30.16 6.27
CA ASP A 220 -20.87 -31.09 5.50
C ASP A 220 -20.22 -30.40 4.29
N GLY A 221 -19.54 -29.29 4.51
CA GLY A 221 -18.92 -28.58 3.40
C GLY A 221 -19.73 -27.67 2.49
N GLU A 222 -21.07 -27.63 2.63
CA GLU A 222 -21.88 -26.74 1.77
C GLU A 222 -22.30 -25.49 2.52
N ASP A 223 -22.21 -24.36 1.81
CA ASP A 223 -22.44 -23.06 2.43
C ASP A 223 -23.91 -22.89 2.81
N GLN A 224 -24.11 -22.57 4.10
CA GLN A 224 -25.43 -22.38 4.70
C GLN A 224 -25.85 -20.91 4.69
N THR A 225 -25.73 -20.30 3.51
CA THR A 225 -25.84 -18.86 3.34
C THR A 225 -27.24 -18.28 3.65
N GLN A 226 -28.31 -18.80 3.03
CA GLN A 226 -29.66 -18.33 3.35
C GLN A 226 -30.21 -18.77 4.72
N ASP A 227 -29.54 -19.71 5.37
CA ASP A 227 -29.99 -20.14 6.68
C ASP A 227 -29.18 -19.62 7.87
N THR A 228 -28.25 -18.71 7.61
CA THR A 228 -27.38 -18.14 8.65
C THR A 228 -27.92 -16.75 9.03
N GLU A 229 -28.05 -16.47 10.33
CA GLU A 229 -28.24 -15.08 10.76
C GLU A 229 -26.86 -14.47 11.02
N LEU A 230 -26.57 -13.36 10.35
CA LEU A 230 -25.25 -12.79 10.39
C LEU A 230 -25.46 -11.33 10.74
N VAL A 231 -24.93 -10.89 11.87
CA VAL A 231 -25.14 -9.52 12.25
C VAL A 231 -24.06 -8.60 11.65
N GLU A 232 -24.39 -7.32 11.55
CA GLU A 232 -23.43 -6.31 11.13
C GLU A 232 -22.28 -6.28 12.15
N THR A 233 -21.05 -6.28 11.62
CA THR A 233 -19.83 -6.08 12.38
C THR A 233 -19.99 -4.80 13.19
N ARG A 234 -19.59 -4.81 14.44
CA ARG A 234 -20.00 -3.76 15.33
C ARG A 234 -18.79 -3.40 16.20
N PRO A 235 -18.69 -2.16 16.67
CA PRO A 235 -17.50 -1.85 17.49
C PRO A 235 -17.68 -2.22 18.93
N ALA A 236 -16.63 -2.73 19.54
CA ALA A 236 -16.67 -3.01 20.96
C ALA A 236 -16.65 -1.72 21.76
N GLY A 237 -16.07 -0.66 21.18
CA GLY A 237 -15.95 0.65 21.85
C GLY A 237 -14.52 0.95 22.28
N ASP A 238 -13.64 -0.03 22.29
CA ASP A 238 -12.26 0.15 22.71
C ASP A 238 -11.29 0.12 21.55
N GLY A 239 -11.79 0.28 20.33
CA GLY A 239 -10.88 0.20 19.15
C GLY A 239 -10.83 -1.17 18.46
N THR A 240 -11.60 -2.12 18.95
CA THR A 240 -11.73 -3.38 18.24
C THR A 240 -13.20 -3.66 17.88
N PHE A 241 -13.41 -4.73 17.11
CA PHE A 241 -14.73 -5.04 16.55
C PHE A 241 -15.23 -6.43 16.95
N GLN A 242 -16.52 -6.68 16.73
CA GLN A 242 -17.18 -7.93 17.10
C GLN A 242 -18.08 -8.40 15.96
N LYS A 243 -18.36 -9.72 15.88
CA LYS A 243 -19.35 -10.21 14.88
C LYS A 243 -19.74 -11.60 15.35
N TRP A 244 -20.95 -12.03 14.98
CA TRP A 244 -21.35 -13.40 15.11
C TRP A 244 -22.19 -13.85 13.93
N ALA A 245 -22.22 -15.16 13.73
CA ALA A 245 -23.05 -15.83 12.71
C ALA A 245 -23.76 -17.01 13.43
N ALA A 246 -25.07 -17.17 13.22
CA ALA A 246 -25.80 -18.23 13.92
C ALA A 246 -26.60 -19.11 12.98
N VAL A 247 -26.63 -20.41 13.28
CA VAL A 247 -27.50 -21.35 12.52
C VAL A 247 -28.34 -22.09 13.53
N VAL A 248 -29.54 -22.44 13.12
CA VAL A 248 -30.43 -23.27 13.93
C VAL A 248 -30.29 -24.70 13.41
N VAL A 249 -29.99 -25.60 14.32
CA VAL A 249 -29.50 -26.95 14.00
C VAL A 249 -30.51 -27.90 14.64
N PRO A 250 -31.02 -28.92 13.88
CA PRO A 250 -31.80 -29.97 14.54
C PRO A 250 -30.86 -30.71 15.48
N SER A 251 -31.31 -30.93 16.72
CA SER A 251 -30.47 -31.47 17.80
C SER A 251 -30.02 -32.85 17.46
N GLY A 252 -28.73 -33.14 17.64
CA GLY A 252 -28.15 -34.41 17.19
C GLY A 252 -27.26 -34.23 15.98
N GLN A 253 -27.34 -33.07 15.32
CA GLN A 253 -26.61 -32.81 14.06
C GLN A 253 -25.45 -31.80 14.20
N GLU A 254 -25.05 -31.46 15.42
CA GLU A 254 -24.01 -30.44 15.68
C GLU A 254 -22.70 -30.67 14.93
N GLN A 255 -22.28 -31.92 14.82
CA GLN A 255 -20.97 -32.25 14.23
C GLN A 255 -20.88 -32.03 12.73
N ARG A 256 -22.05 -31.92 12.09
CA ARG A 256 -22.14 -31.67 10.65
C ARG A 256 -21.70 -30.25 10.25
N TYR A 257 -21.82 -29.32 11.19
CA TYR A 257 -21.65 -27.88 10.96
C TYR A 257 -20.27 -27.31 11.33
N THR A 258 -19.62 -26.61 10.40
CA THR A 258 -18.38 -25.91 10.72
C THR A 258 -18.52 -24.41 10.51
N CYS A 259 -17.92 -23.63 11.43
CA CYS A 259 -17.79 -22.16 11.28
C CYS A 259 -16.43 -21.83 10.69
N HIS A 260 -16.38 -20.91 9.72
CA HIS A 260 -15.13 -20.53 9.06
C HIS A 260 -14.88 -19.05 9.19
N VAL A 261 -13.69 -18.70 9.69
CA VAL A 261 -13.29 -17.32 10.00
C VAL A 261 -12.10 -16.92 9.13
N GLN A 262 -12.25 -15.84 8.38
CA GLN A 262 -11.16 -15.27 7.62
C GLN A 262 -10.94 -13.82 8.12
N HIS A 263 -9.69 -13.47 8.41
CA HIS A 263 -9.37 -12.17 8.93
C HIS A 263 -7.88 -12.02 8.65
N GLU A 264 -7.42 -10.81 8.31
CA GLU A 264 -6.02 -10.59 7.91
C GLU A 264 -5.03 -10.90 9.04
N GLY A 265 -5.53 -10.82 10.28
CA GLY A 265 -4.85 -11.28 11.48
C GLY A 265 -4.55 -12.72 11.70
N LEU A 266 -5.38 -13.58 11.14
CA LEU A 266 -5.19 -15.02 11.24
C LEU A 266 -4.19 -15.41 10.22
N PRO A 267 -3.19 -16.22 10.60
CA PRO A 267 -2.28 -16.69 9.55
C PRO A 267 -2.93 -17.67 8.57
N LYS A 268 -3.88 -18.47 9.08
CA LYS A 268 -4.57 -19.46 8.29
C LYS A 268 -6.01 -19.26 8.70
N PRO A 269 -6.96 -19.37 7.73
CA PRO A 269 -8.39 -19.33 8.08
C PRO A 269 -8.76 -20.44 9.08
N LEU A 270 -9.56 -20.13 10.10
CA LEU A 270 -9.91 -21.09 11.17
C LEU A 270 -11.17 -21.83 10.77
N THR A 271 -11.28 -23.06 11.25
CA THR A 271 -12.46 -23.87 11.08
C THR A 271 -12.88 -24.34 12.49
N LEU A 272 -14.04 -23.93 13.01
CA LEU A 272 -14.47 -24.36 14.35
C LEU A 272 -15.63 -25.39 14.27
N ARG A 273 -15.74 -26.28 15.28
CA ARG A 273 -16.65 -27.46 15.27
C ARG A 273 -16.95 -28.02 16.68
N TRP A 274 -18.03 -28.80 16.79
CA TRP A 274 -18.41 -29.60 18.01
C TRP A 274 -17.77 -31.01 18.05
N GLU A 275 -16.46 -30.99 17.78
CA GLU A 275 -15.45 -32.06 17.99
C GLU A 275 -14.03 -31.45 17.73
N MET B 1 -39.31 8.54 -1.08
CA MET B 1 -38.04 9.07 -0.50
C MET B 1 -37.43 8.10 0.52
N ILE B 2 -36.13 7.84 0.40
CA ILE B 2 -35.45 6.74 1.09
C ILE B 2 -35.61 6.67 2.61
N GLN B 3 -36.07 5.49 3.05
CA GLN B 3 -36.20 5.14 4.46
C GLN B 3 -35.69 3.71 4.70
N ARG B 4 -34.69 3.59 5.57
CA ARG B 4 -34.19 2.26 5.96
C ARG B 4 -34.24 2.10 7.45
N THR B 5 -34.58 0.90 7.87
CA THR B 5 -34.81 0.60 9.28
C THR B 5 -33.48 0.39 10.00
N PRO B 6 -33.34 0.94 11.20
CA PRO B 6 -32.10 0.57 11.92
C PRO B 6 -32.07 -0.93 12.33
N LYS B 7 -30.92 -1.57 12.17
CA LYS B 7 -30.67 -2.83 12.83
C LYS B 7 -30.03 -2.52 14.19
N ILE B 8 -30.63 -3.01 15.28
CA ILE B 8 -30.22 -2.64 16.64
C ILE B 8 -29.54 -3.83 17.27
N GLN B 9 -28.33 -3.64 17.81
CA GLN B 9 -27.65 -4.66 18.64
C GLN B 9 -27.31 -4.08 20.01
N VAL B 10 -27.59 -4.84 21.07
CA VAL B 10 -27.30 -4.47 22.47
C VAL B 10 -26.38 -5.52 23.01
N TYR B 11 -25.28 -5.09 23.63
CA TYR B 11 -24.18 -5.99 23.93
C TYR B 11 -23.14 -5.32 24.80
N SER B 12 -22.31 -6.13 25.43
CA SER B 12 -21.30 -5.56 26.29
C SER B 12 -19.98 -5.51 25.53
N ARG B 13 -19.21 -4.46 25.82
CA ARG B 13 -17.80 -4.43 25.39
C ARG B 13 -17.00 -5.72 25.69
N HIS B 14 -17.02 -6.20 26.94
CA HIS B 14 -16.23 -7.37 27.32
C HIS B 14 -17.21 -8.45 27.68
N PRO B 15 -16.80 -9.76 27.67
CA PRO B 15 -17.67 -10.81 28.24
C PRO B 15 -18.18 -10.41 29.61
N ALA B 16 -19.50 -10.44 29.76
CA ALA B 16 -20.13 -10.00 31.00
C ALA B 16 -19.83 -10.92 32.17
N GLU B 17 -19.41 -10.34 33.28
CA GLU B 17 -19.34 -11.09 34.55
C GLU B 17 -19.77 -10.25 35.73
N ASN B 18 -20.54 -10.88 36.61
CA ASN B 18 -21.13 -10.16 37.73
C ASN B 18 -20.09 -9.59 38.66
N GLY B 19 -20.17 -8.28 38.88
CA GLY B 19 -19.26 -7.55 39.76
C GLY B 19 -18.10 -6.81 39.08
N LYS B 20 -17.88 -7.03 37.78
CA LYS B 20 -16.83 -6.25 37.10
C LYS B 20 -17.43 -5.16 36.23
N SER B 21 -16.83 -3.96 36.27
CA SER B 21 -17.25 -2.87 35.40
C SER B 21 -16.96 -3.13 33.91
N ASN B 22 -17.95 -2.82 33.09
CA ASN B 22 -17.95 -3.18 31.70
C ASN B 22 -18.47 -1.94 30.96
N PHE B 23 -18.91 -2.09 29.71
CA PHE B 23 -19.57 -1.02 28.99
C PHE B 23 -20.74 -1.64 28.27
N LEU B 24 -21.87 -0.97 28.33
CA LEU B 24 -23.07 -1.47 27.70
C LEU B 24 -23.24 -0.66 26.45
N ASN B 25 -23.40 -1.34 25.32
CA ASN B 25 -23.43 -0.72 23.98
C ASN B 25 -24.78 -0.94 23.32
N CYS B 26 -25.28 0.09 22.62
CA CYS B 26 -26.34 -0.08 21.69
C CYS B 26 -25.86 0.43 20.33
N TYR B 27 -25.58 -0.48 19.40
CA TYR B 27 -25.15 -0.10 18.07
C TYR B 27 -26.34 -0.12 17.12
N VAL B 28 -26.57 1.00 16.42
CA VAL B 28 -27.69 1.08 15.47
C VAL B 28 -27.07 1.34 14.12
N SER B 29 -27.44 0.55 13.11
CA SER B 29 -26.80 0.73 11.81
C SER B 29 -27.80 0.47 10.69
N GLY B 30 -27.43 0.81 9.46
CA GLY B 30 -28.29 0.51 8.32
C GLY B 30 -29.45 1.47 8.14
N PHE B 31 -29.48 2.60 8.86
CA PHE B 31 -30.66 3.48 8.83
C PHE B 31 -30.55 4.73 7.94
N HIS B 32 -31.70 5.23 7.49
CA HIS B 32 -31.80 6.46 6.71
C HIS B 32 -33.22 6.94 6.86
N PRO B 33 -33.46 8.25 7.12
CA PRO B 33 -32.57 9.37 7.38
C PRO B 33 -31.91 9.30 8.78
N SER B 34 -31.15 10.33 9.12
CA SER B 34 -30.24 10.28 10.27
C SER B 34 -30.96 10.51 11.58
N ASP B 35 -32.10 11.17 11.57
CA ASP B 35 -32.86 11.43 12.81
C ASP B 35 -33.27 10.11 13.53
N ILE B 36 -32.77 9.90 14.75
CA ILE B 36 -32.99 8.64 15.47
C ILE B 36 -32.91 8.95 16.97
N GLU B 37 -33.69 8.25 17.78
CA GLU B 37 -33.61 8.43 19.23
C GLU B 37 -33.29 7.07 19.81
N VAL B 38 -32.29 7.05 20.69
CA VAL B 38 -31.74 5.84 21.28
C VAL B 38 -31.53 6.08 22.77
N ASP B 39 -32.15 5.24 23.58
CA ASP B 39 -31.99 5.31 25.05
C ASP B 39 -31.57 3.94 25.50
N LEU B 40 -30.71 3.91 26.49
CA LEU B 40 -30.31 2.69 27.13
C LEU B 40 -31.10 2.65 28.42
N LEU B 41 -31.62 1.46 28.74
CA LEU B 41 -32.50 1.29 29.87
C LEU B 41 -31.86 0.32 30.87
N LYS B 42 -32.05 0.62 32.14
CA LYS B 42 -31.70 -0.25 33.27
C LYS B 42 -32.96 -0.43 34.09
N ASN B 43 -33.46 -1.68 34.13
CA ASN B 43 -34.76 -2.08 34.68
C ASN B 43 -35.95 -1.28 34.13
N GLY B 44 -35.85 -0.92 32.85
CA GLY B 44 -36.85 -0.09 32.17
C GLY B 44 -36.76 1.40 32.42
N GLU B 45 -35.76 1.84 33.19
CA GLU B 45 -35.53 3.27 33.45
C GLU B 45 -34.43 3.77 32.51
N ARG B 46 -34.68 4.91 31.89
CA ARG B 46 -33.72 5.56 31.01
C ARG B 46 -32.43 5.88 31.77
N ILE B 47 -31.30 5.38 31.29
CA ILE B 47 -29.98 5.68 31.85
C ILE B 47 -29.58 7.10 31.37
N GLU B 48 -29.29 8.00 32.30
CA GLU B 48 -29.03 9.42 31.94
C GLU B 48 -27.60 9.76 31.43
N LYS B 49 -26.59 9.03 31.92
CA LYS B 49 -25.15 9.23 31.56
C LYS B 49 -24.72 8.43 30.32
N VAL B 50 -25.11 8.88 29.13
CA VAL B 50 -24.95 8.04 27.93
C VAL B 50 -24.21 8.74 26.78
N GLU B 51 -23.03 8.27 26.45
CA GLU B 51 -22.32 8.94 25.36
C GLU B 51 -22.71 8.31 24.01
N HIS B 52 -22.48 9.04 22.93
CA HIS B 52 -22.63 8.44 21.61
C HIS B 52 -21.53 8.85 20.65
N SER B 53 -21.25 7.98 19.69
CA SER B 53 -20.33 8.24 18.61
C SER B 53 -20.82 9.38 17.70
N ASP B 54 -19.88 9.89 16.91
CA ASP B 54 -20.13 10.85 15.85
C ASP B 54 -20.77 10.16 14.68
N LEU B 55 -21.87 10.72 14.23
CA LEU B 55 -22.59 10.26 13.04
C LEU B 55 -21.71 9.96 11.84
N SER B 56 -21.77 8.72 11.40
CA SER B 56 -21.02 8.28 10.25
C SER B 56 -21.87 7.37 9.36
N PHE B 57 -21.33 6.93 8.24
CA PHE B 57 -22.11 6.07 7.34
C PHE B 57 -21.26 5.08 6.57
N SER B 58 -21.92 4.06 6.01
CA SER B 58 -21.26 2.99 5.26
C SER B 58 -21.31 3.36 3.82
N LYS B 59 -20.69 2.51 3.00
CA LYS B 59 -20.61 2.69 1.54
C LYS B 59 -21.95 2.85 0.81
N ASP B 60 -22.99 2.21 1.33
CA ASP B 60 -24.36 2.32 0.80
C ASP B 60 -25.15 3.51 1.33
N TRP B 61 -24.45 4.40 2.03
CA TRP B 61 -24.99 5.66 2.56
C TRP B 61 -25.74 5.55 3.85
N SER B 62 -25.92 4.35 4.36
CA SER B 62 -26.79 4.22 5.49
C SER B 62 -26.01 4.48 6.76
N PHE B 63 -26.65 5.12 7.71
CA PHE B 63 -25.97 5.60 8.92
C PHE B 63 -25.71 4.52 9.98
N TYR B 64 -24.76 4.83 10.84
CA TYR B 64 -24.56 4.08 12.06
C TYR B 64 -24.14 5.00 13.21
N LEU B 65 -24.55 4.62 14.43
CA LEU B 65 -24.17 5.28 15.68
C LEU B 65 -23.95 4.20 16.74
N LEU B 66 -22.99 4.45 17.63
CA LEU B 66 -22.89 3.65 18.83
C LEU B 66 -23.29 4.46 20.08
N TYR B 67 -24.23 3.98 20.86
CA TYR B 67 -24.53 4.55 22.18
C TYR B 67 -23.90 3.67 23.24
N TYR B 68 -23.33 4.27 24.26
CA TYR B 68 -22.59 3.51 25.24
C TYR B 68 -22.56 4.14 26.62
N THR B 69 -22.41 3.28 27.63
CA THR B 69 -22.40 3.69 29.06
C THR B 69 -21.68 2.60 29.88
N GLU B 70 -20.94 3.05 30.90
CA GLU B 70 -20.27 2.20 31.84
C GLU B 70 -21.32 1.56 32.69
N PHE B 71 -21.16 0.28 32.97
CA PHE B 71 -22.10 -0.37 33.85
C PHE B 71 -21.35 -1.50 34.55
N THR B 72 -21.89 -1.92 35.68
CA THR B 72 -21.43 -3.14 36.35
C THR B 72 -22.61 -4.10 36.34
N PRO B 73 -22.52 -5.15 35.51
CA PRO B 73 -23.54 -6.18 35.52
C PRO B 73 -23.56 -6.95 36.82
N THR B 74 -24.78 -7.29 37.26
CA THR B 74 -25.04 -8.17 38.36
C THR B 74 -26.02 -9.21 37.80
N GLU B 75 -26.38 -10.18 38.62
CA GLU B 75 -27.29 -11.26 38.24
C GLU B 75 -28.71 -10.77 37.88
N LYS B 76 -29.25 -9.85 38.68
CA LYS B 76 -30.66 -9.45 38.64
C LYS B 76 -31.03 -8.29 37.68
N ASP B 77 -30.08 -7.35 37.45
CA ASP B 77 -30.35 -6.14 36.63
C ASP B 77 -30.57 -6.44 35.13
N GLU B 78 -31.70 -5.94 34.61
CA GLU B 78 -32.08 -6.12 33.22
C GLU B 78 -31.73 -4.85 32.47
N TYR B 79 -31.07 -5.02 31.33
CA TYR B 79 -30.70 -3.92 30.47
C TYR B 79 -31.36 -4.10 29.11
N ALA B 80 -31.51 -2.96 28.43
CA ALA B 80 -32.21 -2.86 27.14
C ALA B 80 -31.82 -1.59 26.41
N CYS B 81 -32.17 -1.50 25.13
CA CYS B 81 -31.97 -0.31 24.30
C CYS B 81 -33.32 0.02 23.70
N ARG B 82 -33.74 1.27 23.71
CA ARG B 82 -35.01 1.65 23.10
C ARG B 82 -34.74 2.58 21.97
N VAL B 83 -35.22 2.22 20.79
CA VAL B 83 -34.89 2.95 19.57
C VAL B 83 -36.13 3.50 18.88
N ASN B 84 -36.15 4.78 18.51
CA ASN B 84 -37.26 5.28 17.68
C ASN B 84 -36.69 5.92 16.41
N HIS B 85 -37.48 5.82 15.33
CA HIS B 85 -37.02 6.21 13.99
C HIS B 85 -38.28 6.23 13.14
N VAL B 86 -38.26 7.03 12.08
CA VAL B 86 -39.40 7.23 11.19
C VAL B 86 -39.99 5.91 10.65
N THR B 87 -39.12 4.95 10.29
CA THR B 87 -39.48 3.60 9.87
C THR B 87 -40.17 2.70 10.92
N LEU B 88 -40.28 3.17 12.15
CA LEU B 88 -40.83 2.35 13.21
C LEU B 88 -42.10 3.04 13.63
N SER B 89 -43.21 2.30 13.55
CA SER B 89 -44.51 2.81 13.94
C SER B 89 -44.66 3.01 15.45
N GLN B 90 -43.78 2.34 16.22
CA GLN B 90 -43.61 2.59 17.65
C GLN B 90 -42.14 2.30 18.06
N PRO B 91 -41.66 2.85 19.22
CA PRO B 91 -40.30 2.51 19.61
C PRO B 91 -40.08 1.02 19.83
N LYS B 92 -38.93 0.58 19.36
CA LYS B 92 -38.54 -0.80 19.44
C LYS B 92 -37.57 -1.02 20.63
N ILE B 93 -37.88 -2.00 21.48
CA ILE B 93 -37.08 -2.31 22.69
C ILE B 93 -36.31 -3.59 22.44
N VAL B 94 -34.97 -3.52 22.49
CA VAL B 94 -34.17 -4.71 22.36
C VAL B 94 -33.52 -4.99 23.73
N LYS B 95 -33.77 -6.17 24.31
CA LYS B 95 -33.29 -6.51 25.64
C LYS B 95 -31.85 -6.94 25.53
N TRP B 96 -31.04 -6.66 26.53
CA TRP B 96 -29.70 -7.24 26.54
C TRP B 96 -29.73 -8.74 26.90
N ASP B 97 -29.10 -9.57 26.07
CA ASP B 97 -29.01 -11.01 26.35
C ASP B 97 -27.53 -11.33 26.45
N ARG B 98 -27.06 -11.57 27.68
CA ARG B 98 -25.64 -11.76 27.91
C ARG B 98 -25.15 -13.08 27.37
N ASP B 99 -25.99 -14.10 27.48
CA ASP B 99 -25.67 -15.51 27.24
C ASP B 99 -25.53 -15.92 25.77
N MET B 100 -25.60 -14.97 24.85
CA MET B 100 -25.63 -15.23 23.42
C MET B 100 -24.45 -16.06 22.87
N LEU C 1 -5.82 14.80 6.52
CA LEU C 1 -5.90 16.24 6.09
C LEU C 1 -7.05 16.34 5.11
N LEU C 2 -7.97 17.27 5.36
CA LEU C 2 -9.13 17.51 4.48
C LEU C 2 -8.75 18.08 3.13
N PHE C 3 -9.66 17.94 2.15
CA PHE C 3 -9.57 18.56 0.82
C PHE C 3 -9.73 20.05 1.03
N GLY C 4 -8.90 20.83 0.33
CA GLY C 4 -8.89 22.30 0.50
C GLY C 4 -9.88 23.01 -0.40
N TYR C 5 -10.47 22.33 -1.40
CA TYR C 5 -11.30 23.08 -2.39
C TYR C 5 -12.68 22.51 -2.71
N PRO C 6 -13.59 22.37 -1.71
CA PRO C 6 -14.88 21.82 -2.11
C PRO C 6 -15.62 22.83 -3.01
N VAL C 7 -16.34 22.33 -4.02
CA VAL C 7 -17.03 23.13 -5.02
C VAL C 7 -18.52 22.77 -4.97
N TYR C 8 -19.39 23.74 -5.21
CA TYR C 8 -20.84 23.58 -5.20
C TYR C 8 -21.29 22.53 -6.22
N VAL C 9 -22.33 21.76 -5.87
CA VAL C 9 -23.07 20.97 -6.88
C VAL C 9 -23.90 21.88 -7.84
N GLY D 1 10.89 12.54 1.74
CA GLY D 1 9.98 11.46 2.23
C GLY D 1 10.72 10.24 2.74
N SER D 2 10.29 9.08 2.27
CA SER D 2 10.73 7.80 2.79
C SER D 2 12.09 7.27 2.17
N HIS D 3 12.89 6.47 2.91
CA HIS D 3 14.24 6.05 2.45
C HIS D 3 14.55 4.62 2.82
N SER D 4 15.55 4.02 2.20
CA SER D 4 15.91 2.61 2.43
C SER D 4 17.39 2.41 2.39
N MET D 5 17.92 1.46 3.17
CA MET D 5 19.26 1.02 2.95
C MET D 5 19.13 -0.46 2.66
N ARG D 6 19.86 -1.00 1.68
CA ARG D 6 19.77 -2.41 1.31
C ARG D 6 21.14 -2.95 0.95
N TYR D 7 21.40 -4.19 1.36
CA TYR D 7 22.59 -4.87 0.92
C TYR D 7 22.20 -6.08 0.09
N PHE D 8 22.95 -6.32 -0.98
CA PHE D 8 22.64 -7.41 -1.89
C PHE D 8 23.88 -8.29 -1.98
N PHE D 9 23.68 -9.61 -1.94
CA PHE D 9 24.78 -10.57 -1.89
C PHE D 9 24.52 -11.69 -2.84
N THR D 10 25.54 -12.07 -3.60
CA THR D 10 25.44 -13.20 -4.48
C THR D 10 26.67 -14.09 -4.35
N SER D 11 26.45 -15.38 -4.12
CA SER D 11 27.55 -16.37 -4.14
C SER D 11 27.28 -17.38 -5.21
N VAL D 12 28.30 -17.70 -5.99
CA VAL D 12 28.15 -18.60 -7.13
C VAL D 12 29.25 -19.65 -7.03
N SER D 13 28.89 -20.92 -6.85
CA SER D 13 29.91 -21.95 -6.75
C SER D 13 30.49 -22.28 -8.13
N ARG D 14 31.79 -22.52 -8.18
CA ARG D 14 32.40 -22.95 -9.41
C ARG D 14 33.32 -24.13 -9.03
N PRO D 15 32.75 -25.33 -8.79
CA PRO D 15 33.56 -26.44 -8.22
C PRO D 15 34.69 -26.90 -9.15
N GLY D 16 35.84 -27.24 -8.56
CA GLY D 16 37.08 -27.52 -9.33
C GLY D 16 37.84 -26.29 -9.82
N ARG D 17 37.17 -25.13 -9.85
CA ARG D 17 37.76 -23.87 -10.31
C ARG D 17 37.88 -22.86 -9.15
N GLY D 18 38.28 -23.37 -7.97
CA GLY D 18 38.47 -22.52 -6.80
C GLY D 18 37.20 -22.22 -6.05
N GLU D 19 37.29 -21.30 -5.10
CA GLU D 19 36.17 -20.97 -4.23
C GLU D 19 35.02 -20.16 -4.93
N PRO D 20 33.81 -20.09 -4.31
CA PRO D 20 32.74 -19.36 -4.95
C PRO D 20 33.01 -17.86 -5.23
N ARG D 21 32.53 -17.41 -6.38
CA ARG D 21 32.48 -15.96 -6.66
C ARG D 21 31.54 -15.33 -5.65
N PHE D 22 32.01 -14.31 -4.96
CA PHE D 22 31.15 -13.62 -4.00
C PHE D 22 31.15 -12.16 -4.31
N ILE D 23 29.95 -11.56 -4.37
CA ILE D 23 29.85 -10.15 -4.69
C ILE D 23 28.81 -9.53 -3.79
N ALA D 24 29.18 -8.47 -3.08
CA ALA D 24 28.24 -7.75 -2.24
C ALA D 24 28.18 -6.27 -2.65
N VAL D 25 26.99 -5.67 -2.64
CA VAL D 25 26.75 -4.26 -2.96
C VAL D 25 25.77 -3.68 -1.93
N GLY D 26 26.00 -2.43 -1.55
CA GLY D 26 25.13 -1.69 -0.68
C GLY D 26 24.57 -0.45 -1.37
N TYR D 27 23.32 -0.13 -1.05
CA TYR D 27 22.63 0.97 -1.68
C TYR D 27 21.92 1.75 -0.60
N VAL D 28 21.89 3.06 -0.73
CA VAL D 28 20.89 3.85 -0.08
C VAL D 28 19.92 4.33 -1.18
N ASP D 29 18.64 4.00 -1.05
CA ASP D 29 17.65 4.28 -2.14
C ASP D 29 18.22 3.74 -3.44
N ASP D 30 18.39 4.57 -4.46
CA ASP D 30 18.86 3.99 -5.72
C ASP D 30 20.35 4.33 -5.98
N THR D 31 21.09 4.60 -4.92
CA THR D 31 22.48 5.05 -5.06
C THR D 31 23.37 4.03 -4.43
N GLN D 32 24.24 3.43 -5.22
CA GLN D 32 25.23 2.49 -4.71
C GLN D 32 26.26 3.25 -3.87
N PHE D 33 26.59 2.74 -2.67
CA PHE D 33 27.72 3.32 -1.90
C PHE D 33 28.90 2.42 -1.55
N VAL D 34 28.71 1.10 -1.51
CA VAL D 34 29.84 0.18 -1.23
C VAL D 34 29.84 -1.04 -2.13
N ARG D 35 30.99 -1.70 -2.25
CA ARG D 35 31.07 -2.97 -2.97
CA ARG D 35 31.09 -2.95 -2.99
C ARG D 35 32.13 -3.90 -2.36
N PHE D 36 31.90 -5.21 -2.47
CA PHE D 36 32.98 -6.20 -2.27
C PHE D 36 32.94 -7.18 -3.42
N ASP D 37 34.09 -7.45 -4.04
CA ASP D 37 34.14 -8.49 -5.01
C ASP D 37 35.31 -9.36 -4.62
N SER D 38 35.00 -10.63 -4.37
CA SER D 38 35.96 -11.66 -4.02
C SER D 38 36.97 -11.88 -5.13
N ASP D 39 36.63 -11.51 -6.36
CA ASP D 39 37.62 -11.63 -7.44
C ASP D 39 38.53 -10.43 -7.65
N ALA D 40 38.19 -9.29 -7.07
CA ALA D 40 39.02 -8.09 -7.21
C ALA D 40 40.30 -8.14 -6.34
N ALA D 41 41.25 -7.27 -6.65
CA ALA D 41 42.59 -7.29 -6.05
C ALA D 41 42.66 -6.98 -4.55
N SER D 42 41.93 -5.97 -4.10
CA SER D 42 42.16 -5.45 -2.74
C SER D 42 41.70 -6.36 -1.61
N GLN D 43 40.67 -7.18 -1.86
CA GLN D 43 40.02 -8.00 -0.84
C GLN D 43 39.48 -7.13 0.31
N ARG D 44 39.03 -5.91 -0.01
CA ARG D 44 38.45 -4.97 0.95
C ARG D 44 37.05 -4.59 0.50
N MET D 45 36.19 -4.22 1.47
CA MET D 45 35.05 -3.38 1.15
C MET D 45 35.55 -2.03 0.60
N GLU D 46 34.97 -1.57 -0.53
CA GLU D 46 35.49 -0.42 -1.25
C GLU D 46 34.40 0.63 -1.37
N PRO D 47 34.73 1.93 -1.24
CA PRO D 47 33.75 3.01 -1.45
C PRO D 47 33.24 3.13 -2.91
N ARG D 48 31.98 3.51 -3.09
CA ARG D 48 31.41 3.68 -4.45
CA ARG D 48 31.42 3.71 -4.45
C ARG D 48 30.59 4.97 -4.58
N ALA D 49 30.62 5.79 -3.52
CA ALA D 49 29.90 7.06 -3.50
C ALA D 49 30.86 7.99 -2.76
N PRO D 50 30.98 9.29 -3.19
CA PRO D 50 31.90 10.22 -2.53
C PRO D 50 31.61 10.46 -1.05
N TRP D 51 30.37 10.44 -0.61
CA TRP D 51 30.05 10.69 0.82
C TRP D 51 30.39 9.58 1.82
N ILE D 52 30.67 8.38 1.31
CA ILE D 52 31.08 7.27 2.20
C ILE D 52 32.62 7.28 2.42
N GLU D 53 33.32 7.99 1.56
CA GLU D 53 34.78 8.05 1.62
C GLU D 53 35.35 8.66 2.91
N GLN D 54 34.61 9.55 3.55
CA GLN D 54 34.97 10.18 4.82
C GLN D 54 34.95 9.23 6.05
N GLU D 55 34.37 8.04 5.91
CA GLU D 55 34.34 7.07 7.00
C GLU D 55 35.76 6.58 7.36
N GLY D 56 36.06 6.49 8.65
CA GLY D 56 37.46 6.24 9.11
C GLY D 56 37.91 4.78 8.97
N PRO D 57 39.13 4.45 9.43
CA PRO D 57 39.66 3.08 9.31
C PRO D 57 38.87 1.97 10.04
N GLU D 58 38.17 2.28 11.14
CA GLU D 58 37.35 1.24 11.83
C GLU D 58 36.18 0.80 10.96
N TYR D 59 35.62 1.80 10.27
CA TYR D 59 34.54 1.52 9.33
C TYR D 59 35.00 0.48 8.33
N TRP D 60 36.04 0.81 7.55
CA TRP D 60 36.56 -0.06 6.50
C TRP D 60 37.06 -1.44 6.93
N ASP D 61 37.85 -1.48 8.00
CA ASP D 61 38.32 -2.74 8.59
C ASP D 61 37.14 -3.56 9.11
N GLY D 62 36.21 -2.93 9.84
CA GLY D 62 34.99 -3.58 10.33
C GLY D 62 34.08 -4.10 9.21
N GLU D 63 33.87 -3.30 8.16
CA GLU D 63 33.02 -3.76 7.04
C GLU D 63 33.70 -4.86 6.24
N THR D 64 35.01 -4.80 6.12
CA THR D 64 35.77 -5.90 5.48
C THR D 64 35.64 -7.27 6.19
N ARG D 65 35.88 -7.29 7.50
CA ARG D 65 35.63 -8.50 8.33
C ARG D 65 34.17 -8.99 8.23
N LYS D 66 33.21 -8.08 8.39
CA LYS D 66 31.79 -8.51 8.34
C LYS D 66 31.35 -9.05 6.93
N VAL D 67 31.85 -8.42 5.86
CA VAL D 67 31.50 -8.88 4.50
C VAL D 67 32.15 -10.25 4.19
N LYS D 68 33.35 -10.47 4.75
CA LYS D 68 34.06 -11.74 4.63
C LYS D 68 33.33 -12.81 5.43
N ALA D 69 32.73 -12.42 6.55
CA ALA D 69 31.90 -13.36 7.31
C ALA D 69 30.65 -13.78 6.53
N HIS D 70 30.10 -12.89 5.72
CA HIS D 70 28.96 -13.24 4.83
C HIS D 70 29.41 -14.22 3.76
N SER D 71 30.57 -13.93 3.19
CA SER D 71 31.20 -14.77 2.17
C SER D 71 31.37 -16.20 2.66
N GLN D 72 31.94 -16.35 3.85
CA GLN D 72 32.17 -17.67 4.45
C GLN D 72 30.86 -18.40 4.78
N THR D 73 29.86 -17.68 5.29
CA THR D 73 28.53 -18.24 5.59
C THR D 73 27.88 -18.83 4.29
N HIS D 74 28.01 -18.08 3.22
CA HIS D 74 27.49 -18.48 1.92
C HIS D 74 28.23 -19.68 1.34
N ARG D 75 29.55 -19.77 1.58
CA ARG D 75 30.35 -20.93 1.17
C ARG D 75 29.81 -22.21 1.79
N VAL D 76 29.53 -22.19 3.08
CA VAL D 76 28.99 -23.36 3.78
C VAL D 76 27.55 -23.65 3.31
N ASP D 77 26.78 -22.57 3.08
CA ASP D 77 25.37 -22.63 2.67
C ASP D 77 25.22 -23.37 1.33
N LEU D 78 26.06 -23.04 0.34
CA LEU D 78 26.15 -23.83 -0.90
C LEU D 78 26.36 -25.36 -0.69
N GLY D 79 27.20 -25.72 0.27
CA GLY D 79 27.44 -27.13 0.63
C GLY D 79 26.23 -27.78 1.30
N THR D 80 25.60 -27.06 2.22
CA THR D 80 24.37 -27.49 2.90
C THR D 80 23.20 -27.64 1.91
N LEU D 81 23.01 -26.61 1.06
CA LEU D 81 21.85 -26.55 0.13
C LEU D 81 21.87 -27.63 -0.97
N ARG D 82 23.04 -27.95 -1.50
CA ARG D 82 23.10 -29.03 -2.45
C ARG D 82 22.92 -30.41 -1.78
N GLY D 83 23.22 -30.49 -0.49
CA GLY D 83 22.82 -31.63 0.31
C GLY D 83 21.31 -31.76 0.46
N TYR D 84 20.66 -30.69 0.90
CA TYR D 84 19.21 -30.64 1.08
C TYR D 84 18.36 -30.95 -0.15
N TYR D 85 18.81 -30.50 -1.33
CA TYR D 85 18.05 -30.72 -2.56
C TYR D 85 18.65 -31.82 -3.40
N ASN D 86 19.52 -32.59 -2.77
CA ASN D 86 20.20 -33.77 -3.33
C ASN D 86 20.76 -33.58 -4.72
N GLN D 87 21.61 -32.57 -4.84
CA GLN D 87 22.28 -32.22 -6.07
C GLN D 87 23.73 -32.63 -5.98
N SER D 88 24.36 -32.76 -7.12
CA SER D 88 25.71 -33.28 -7.15
C SER D 88 26.75 -32.19 -6.89
N GLU D 89 28.00 -32.62 -6.69
CA GLU D 89 29.16 -31.81 -6.32
C GLU D 89 29.71 -31.02 -7.53
N ALA D 90 29.24 -31.39 -8.73
CA ALA D 90 29.79 -30.94 -10.02
C ALA D 90 29.34 -29.55 -10.47
N GLY D 91 28.03 -29.26 -10.33
CA GLY D 91 27.43 -28.09 -10.99
C GLY D 91 27.47 -26.78 -10.21
N SER D 92 27.29 -25.69 -10.94
CA SER D 92 27.37 -24.36 -10.39
C SER D 92 26.00 -24.01 -9.79
N HIS D 93 25.97 -23.62 -8.53
CA HIS D 93 24.74 -23.10 -7.93
C HIS D 93 24.93 -21.70 -7.38
N THR D 94 23.82 -21.03 -7.14
CA THR D 94 23.81 -19.60 -6.81
C THR D 94 23.05 -19.44 -5.49
N VAL D 95 23.64 -18.77 -4.52
CA VAL D 95 22.83 -18.19 -3.45
C VAL D 95 22.73 -16.65 -3.50
N GLN D 96 21.57 -16.12 -3.15
CA GLN D 96 21.40 -14.70 -3.10
C GLN D 96 20.78 -14.28 -1.78
N ARG D 97 21.16 -13.11 -1.30
CA ARG D 97 20.62 -12.63 -0.05
C ARG D 97 20.44 -11.11 -0.15
N MET D 98 19.36 -10.61 0.41
CA MET D 98 19.12 -9.19 0.46
C MET D 98 18.49 -8.89 1.82
N TYR D 99 19.02 -7.89 2.50
CA TYR D 99 18.35 -7.37 3.70
C TYR D 99 18.45 -5.85 3.77
N GLY D 100 17.70 -5.29 4.69
CA GLY D 100 17.78 -3.88 4.94
C GLY D 100 16.55 -3.37 5.64
N CYS D 101 16.45 -2.05 5.69
CA CYS D 101 15.42 -1.36 6.44
C CYS D 101 14.92 -0.14 5.69
N ASP D 102 13.63 0.19 5.87
CA ASP D 102 13.09 1.42 5.36
C ASP D 102 12.83 2.34 6.55
N VAL D 103 13.04 3.66 6.34
CA VAL D 103 12.50 4.69 7.21
C VAL D 103 11.39 5.50 6.51
N GLY D 104 10.41 5.99 7.30
CA GLY D 104 9.33 6.83 6.75
C GLY D 104 9.80 8.27 6.61
N SER D 105 8.87 9.19 6.37
CA SER D 105 9.13 10.63 6.32
C SER D 105 9.69 11.23 7.61
N ASP D 106 9.27 10.62 8.73
CA ASP D 106 9.72 10.94 10.09
C ASP D 106 11.14 10.41 10.35
N TRP D 107 11.69 9.69 9.35
CA TRP D 107 13.00 8.98 9.43
C TRP D 107 13.10 7.92 10.57
N ARG D 108 11.96 7.53 11.12
CA ARG D 108 11.91 6.48 12.13
C ARG D 108 11.71 5.20 11.35
N PHE D 109 12.07 4.09 11.98
CA PHE D 109 11.83 2.75 11.43
C PHE D 109 10.43 2.54 10.82
N LEU D 110 10.42 1.95 9.62
CA LEU D 110 9.17 1.65 8.90
C LEU D 110 9.01 0.13 8.74
N ARG D 111 9.97 -0.51 8.08
CA ARG D 111 10.00 -1.96 7.96
C ARG D 111 11.43 -2.43 7.78
N GLY D 112 11.63 -3.72 8.03
CA GLY D 112 12.90 -4.31 7.80
C GLY D 112 12.62 -5.63 7.15
N TYR D 113 13.61 -6.14 6.45
CA TYR D 113 13.41 -7.31 5.60
C TYR D 113 14.71 -8.04 5.49
N HIS D 114 14.63 -9.32 5.14
CA HIS D 114 15.77 -10.20 4.99
C HIS D 114 15.31 -11.44 4.22
N GLN D 115 15.81 -11.61 2.99
CA GLN D 115 15.23 -12.54 2.02
C GLN D 115 16.39 -13.31 1.45
N TYR D 116 16.16 -14.59 1.18
CA TYR D 116 17.23 -15.50 0.79
C TYR D 116 16.72 -16.34 -0.40
N ALA D 117 17.57 -16.55 -1.42
CA ALA D 117 17.23 -17.42 -2.53
C ALA D 117 18.27 -18.45 -2.87
N TYR D 118 17.80 -19.58 -3.36
CA TYR D 118 18.74 -20.60 -3.85
C TYR D 118 18.34 -20.89 -5.30
N ASP D 119 19.33 -20.74 -6.19
CA ASP D 119 19.15 -20.95 -7.64
C ASP D 119 17.98 -20.14 -8.21
N GLY D 120 17.88 -18.89 -7.74
CA GLY D 120 16.93 -17.91 -8.25
C GLY D 120 15.50 -18.13 -7.83
N LYS D 121 15.27 -18.92 -6.80
CA LYS D 121 13.94 -19.14 -6.26
C LYS D 121 13.96 -18.80 -4.79
N ASP D 122 12.86 -18.22 -4.29
CA ASP D 122 12.62 -17.94 -2.87
C ASP D 122 12.93 -19.14 -2.01
N TYR D 123 13.72 -18.92 -0.96
CA TYR D 123 14.06 -19.97 -0.04
C TYR D 123 13.42 -19.62 1.30
N ILE D 124 13.81 -18.47 1.87
CA ILE D 124 13.22 -18.01 3.11
C ILE D 124 13.12 -16.48 3.18
N ALA D 125 12.10 -15.93 3.81
CA ALA D 125 11.98 -14.49 3.89
C ALA D 125 11.46 -14.15 5.27
N LEU D 126 11.98 -13.08 5.85
CA LEU D 126 11.56 -12.61 7.17
C LEU D 126 10.25 -11.84 7.08
N LYS D 127 9.32 -12.12 8.00
CA LYS D 127 8.04 -11.40 8.03
C LYS D 127 8.20 -10.04 8.71
N GLU D 128 7.12 -9.27 8.68
CA GLU D 128 7.14 -7.88 9.09
C GLU D 128 7.39 -7.72 10.62
N ASP D 129 7.02 -8.73 11.42
CA ASP D 129 7.26 -8.71 12.87
C ASP D 129 8.71 -8.89 13.27
N LEU D 130 9.57 -9.18 12.28
CA LEU D 130 11.03 -9.29 12.42
C LEU D 130 11.56 -10.44 13.32
N ARG D 131 10.64 -11.33 13.71
CA ARG D 131 10.92 -12.45 14.58
C ARG D 131 10.61 -13.80 13.88
N SER D 132 9.69 -13.78 12.91
CA SER D 132 9.32 -15.02 12.25
C SER D 132 9.58 -15.06 10.73
N TRP D 133 9.62 -16.27 10.18
CA TRP D 133 10.08 -16.48 8.83
C TRP D 133 9.07 -17.24 7.98
N THR D 134 9.06 -16.96 6.68
CA THR D 134 8.22 -17.63 5.70
C THR D 134 9.11 -18.58 4.90
N ALA D 135 8.94 -19.88 5.13
CA ALA D 135 9.73 -20.92 4.48
C ALA D 135 9.05 -21.35 3.19
N ALA D 136 9.82 -21.49 2.11
CA ALA D 136 9.31 -21.88 0.79
C ALA D 136 8.94 -23.35 0.70
N ASP D 137 9.68 -24.20 1.41
CA ASP D 137 9.47 -25.66 1.42
C ASP D 137 9.98 -26.28 2.74
N MET D 138 10.22 -27.59 2.73
CA MET D 138 10.63 -28.29 3.95
C MET D 138 12.09 -28.07 4.42
N ALA D 139 13.04 -28.00 3.46
CA ALA D 139 14.45 -27.65 3.74
C ALA D 139 14.53 -26.29 4.42
N ALA D 140 13.77 -25.32 3.89
CA ALA D 140 13.66 -24.00 4.48
C ALA D 140 12.98 -23.97 5.86
N GLN D 141 12.09 -24.93 6.11
CA GLN D 141 11.55 -25.12 7.44
C GLN D 141 12.65 -25.42 8.50
N THR D 142 13.70 -26.16 8.14
CA THR D 142 14.81 -26.43 9.10
C THR D 142 15.61 -25.15 9.38
N THR D 143 15.75 -24.31 8.34
CA THR D 143 16.36 -22.98 8.46
C THR D 143 15.57 -21.98 9.33
N LYS D 144 14.25 -21.96 9.13
CA LYS D 144 13.30 -21.23 9.95
C LYS D 144 13.43 -21.57 11.42
N HIS D 145 13.57 -22.86 11.75
CA HIS D 145 13.79 -23.28 13.14
C HIS D 145 15.09 -22.76 13.72
N LYS D 146 16.20 -22.89 12.98
CA LYS D 146 17.51 -22.30 13.39
C LYS D 146 17.47 -20.77 13.57
N TRP D 147 16.82 -20.07 12.65
CA TRP D 147 16.91 -18.59 12.60
C TRP D 147 15.94 -17.90 13.55
N GLU D 148 14.93 -18.66 14.01
CA GLU D 148 13.94 -18.19 14.97
C GLU D 148 14.40 -18.34 16.40
N ALA D 149 15.57 -18.96 16.63
CA ALA D 149 16.11 -19.15 18.00
C ALA D 149 16.27 -17.76 18.63
N PRO D 150 15.98 -17.59 19.94
CA PRO D 150 15.75 -16.21 20.42
C PRO D 150 16.94 -15.25 20.34
N HIS D 151 18.13 -15.78 20.65
CA HIS D 151 19.42 -15.07 20.59
C HIS D 151 19.65 -14.59 19.18
N VAL D 152 19.48 -15.50 18.22
CA VAL D 152 19.64 -15.21 16.79
C VAL D 152 18.61 -14.18 16.24
N ALA D 153 17.31 -14.44 16.45
CA ALA D 153 16.23 -13.50 16.07
C ALA D 153 16.44 -12.09 16.68
N GLU D 154 16.85 -12.01 17.96
CA GLU D 154 17.14 -10.71 18.61
C GLU D 154 18.31 -9.96 17.95
N GLN D 155 19.37 -10.69 17.55
CA GLN D 155 20.49 -10.10 16.83
C GLN D 155 19.98 -9.44 15.53
N LEU D 156 19.17 -10.16 14.76
CA LEU D 156 18.64 -9.60 13.50
C LEU D 156 17.70 -8.44 13.77
N ARG D 157 16.82 -8.59 14.75
CA ARG D 157 15.87 -7.55 15.10
C ARG D 157 16.56 -6.23 15.56
N ALA D 158 17.55 -6.32 16.48
CA ALA D 158 18.38 -5.13 16.86
C ALA D 158 19.05 -4.48 15.68
N TYR D 159 19.56 -5.29 14.75
CA TYR D 159 20.10 -4.74 13.53
C TYR D 159 19.05 -4.04 12.66
N LEU D 160 17.99 -4.73 12.20
CA LEU D 160 17.02 -4.08 11.26
C LEU D 160 16.30 -2.85 11.81
N GLU D 161 15.92 -2.92 13.08
CA GLU D 161 15.08 -1.91 13.74
C GLU D 161 15.92 -0.82 14.45
N GLY D 162 17.23 -1.06 14.63
CA GLY D 162 18.10 -0.11 15.34
C GLY D 162 19.29 0.32 14.49
N THR D 163 20.34 -0.50 14.50
CA THR D 163 21.59 -0.24 13.78
C THR D 163 21.41 0.14 12.32
N CYS D 164 20.56 -0.60 11.62
CA CYS D 164 20.30 -0.29 10.21
C CYS D 164 19.74 1.14 10.06
N VAL D 165 18.73 1.48 10.87
CA VAL D 165 18.10 2.81 10.87
C VAL D 165 19.05 3.98 11.24
N GLU D 166 19.87 3.80 12.28
CA GLU D 166 20.81 4.87 12.72
C GLU D 166 21.84 5.18 11.64
N TRP D 167 22.38 4.15 10.99
CA TRP D 167 23.36 4.35 9.94
C TRP D 167 22.75 4.82 8.64
N LEU D 168 21.53 4.41 8.32
CA LEU D 168 20.81 5.02 7.18
C LEU D 168 20.63 6.55 7.43
N ARG D 169 20.19 6.96 8.62
CA ARG D 169 20.13 8.41 8.96
C ARG D 169 21.46 9.11 8.80
N ARG D 170 22.53 8.49 9.30
CA ARG D 170 23.88 9.02 9.19
C ARG D 170 24.28 9.27 7.74
N TYR D 171 24.08 8.26 6.87
CA TYR D 171 24.38 8.34 5.43
C TYR D 171 23.54 9.41 4.76
N LEU D 172 22.26 9.51 5.14
CA LEU D 172 21.36 10.52 4.57
C LEU D 172 21.85 11.91 4.87
N GLU D 173 22.41 12.15 6.07
CA GLU D 173 22.95 13.47 6.41
C GLU D 173 24.22 13.77 5.68
N ASN D 174 25.20 12.88 5.82
CA ASN D 174 26.52 13.04 5.20
C ASN D 174 26.42 13.13 3.68
N GLY D 175 25.49 12.40 3.07
CA GLY D 175 25.34 12.45 1.61
C GLY D 175 24.11 13.16 1.15
N LYS D 176 23.71 14.19 1.89
CA LYS D 176 22.44 14.88 1.61
C LYS D 176 22.28 15.44 0.19
N GLU D 177 23.35 15.99 -0.38
CA GLU D 177 23.33 16.59 -1.71
C GLU D 177 23.05 15.56 -2.82
N THR D 178 23.47 14.31 -2.58
CA THR D 178 23.17 13.14 -3.42
C THR D 178 21.86 12.46 -3.08
N LEU D 179 21.66 12.15 -1.79
CA LEU D 179 20.58 11.26 -1.36
C LEU D 179 19.27 11.97 -1.11
N GLN D 180 19.33 13.22 -0.69
CA GLN D 180 18.10 13.91 -0.44
C GLN D 180 17.69 14.78 -1.64
N ARG D 181 18.03 14.39 -2.84
CA ARG D 181 17.67 15.18 -3.99
C ARG D 181 16.56 14.48 -4.75
N THR D 182 15.84 15.26 -5.52
CA THR D 182 15.02 14.77 -6.58
C THR D 182 15.45 15.49 -7.83
N ASP D 183 15.66 14.74 -8.90
CA ASP D 183 15.85 15.31 -10.21
C ASP D 183 14.59 14.95 -11.01
N ALA D 184 13.77 15.96 -11.28
CA ALA D 184 12.60 15.79 -12.16
C ALA D 184 13.06 15.31 -13.56
N PRO D 185 12.31 14.38 -14.17
CA PRO D 185 12.68 13.98 -15.54
C PRO D 185 12.65 15.13 -16.52
N LYS D 186 13.58 15.10 -17.46
CA LYS D 186 13.53 15.96 -18.61
C LYS D 186 12.76 15.18 -19.69
N THR D 187 11.70 15.76 -20.22
CA THR D 187 10.83 14.96 -21.08
C THR D 187 10.69 15.55 -22.47
N HIS D 188 10.45 14.67 -23.45
CA HIS D 188 10.17 15.11 -24.83
C HIS D 188 9.55 13.94 -25.55
N MET D 189 9.00 14.18 -26.73
CA MET D 189 8.42 13.11 -27.57
C MET D 189 9.08 13.14 -28.92
N THR D 190 9.24 11.97 -29.54
CA THR D 190 9.70 11.90 -30.89
C THR D 190 8.59 11.28 -31.77
N HIS D 191 8.67 11.51 -33.07
CA HIS D 191 7.71 11.05 -34.06
C HIS D 191 8.57 10.55 -35.20
N HIS D 192 8.37 9.28 -35.57
CA HIS D 192 9.04 8.67 -36.69
CA HIS D 192 9.03 8.66 -36.70
C HIS D 192 8.02 7.92 -37.54
N ALA D 193 7.98 8.19 -38.83
CA ALA D 193 7.08 7.46 -39.73
C ALA D 193 7.65 6.05 -39.93
N VAL D 194 6.85 5.00 -39.66
CA VAL D 194 7.26 3.63 -40.09
C VAL D 194 6.82 3.31 -41.53
N SER D 195 5.74 3.93 -41.98
CA SER D 195 5.27 3.81 -43.40
C SER D 195 4.56 5.11 -43.82
N ASP D 196 3.84 5.11 -44.95
CA ASP D 196 3.02 6.28 -45.32
C ASP D 196 1.74 6.42 -44.47
N HIS D 197 1.35 5.34 -43.78
CA HIS D 197 0.13 5.36 -42.95
C HIS D 197 0.38 5.21 -41.45
N GLU D 198 1.59 4.87 -41.01
CA GLU D 198 1.82 4.79 -39.56
C GLU D 198 3.07 5.49 -39.03
N ALA D 199 3.02 5.78 -37.72
CA ALA D 199 4.10 6.43 -37.00
C ALA D 199 4.26 5.97 -35.56
N THR D 200 5.52 5.84 -35.16
CA THR D 200 5.89 5.65 -33.77
C THR D 200 5.98 6.97 -33.06
N LEU D 201 5.24 7.08 -31.96
CA LEU D 201 5.34 8.20 -31.07
C LEU D 201 6.08 7.65 -29.83
N ARG D 202 7.16 8.28 -29.45
CA ARG D 202 7.93 7.79 -28.30
C ARG D 202 8.02 8.90 -27.28
N CYS D 203 7.56 8.61 -26.06
CA CYS D 203 7.64 9.55 -24.97
C CYS D 203 8.87 9.20 -24.10
N TRP D 204 9.73 10.19 -23.88
CA TRP D 204 10.99 10.01 -23.12
C TRP D 204 11.04 10.72 -21.79
N ALA D 205 11.63 10.08 -20.76
CA ALA D 205 11.92 10.73 -19.50
C ALA D 205 13.40 10.46 -19.27
N LEU D 206 14.20 11.52 -19.08
CA LEU D 206 15.65 11.40 -18.91
C LEU D 206 16.11 12.13 -17.69
N SER D 207 17.30 11.75 -17.21
CA SER D 207 17.96 12.34 -16.05
C SER D 207 17.17 12.46 -14.81
N PHE D 208 16.43 11.42 -14.45
CA PHE D 208 15.63 11.56 -13.26
C PHE D 208 16.20 10.74 -12.13
N TYR D 209 15.84 11.14 -10.92
CA TYR D 209 16.25 10.47 -9.71
C TYR D 209 15.19 10.79 -8.68
N PRO D 210 14.69 9.78 -7.91
CA PRO D 210 15.00 8.34 -7.92
C PRO D 210 14.37 7.62 -9.15
N ALA D 211 14.58 6.30 -9.20
CA ALA D 211 14.32 5.52 -10.37
C ALA D 211 12.80 5.38 -10.64
N GLU D 212 12.00 5.39 -9.58
CA GLU D 212 10.52 5.24 -9.63
C GLU D 212 9.84 6.33 -10.48
N ILE D 213 9.10 5.91 -11.50
CA ILE D 213 8.47 6.79 -12.47
C ILE D 213 7.27 6.07 -13.10
N THR D 214 6.22 6.80 -13.47
CA THR D 214 5.21 6.22 -14.38
C THR D 214 5.13 7.00 -15.69
N LEU D 215 5.29 6.28 -16.80
CA LEU D 215 5.07 6.77 -18.15
C LEU D 215 3.92 6.04 -18.82
N THR D 216 2.89 6.76 -19.27
CA THR D 216 1.74 6.12 -19.92
C THR D 216 1.30 6.95 -21.13
N TRP D 217 0.73 6.26 -22.12
CA TRP D 217 0.09 6.91 -23.25
C TRP D 217 -1.38 6.81 -23.14
N GLN D 218 -2.07 7.87 -23.51
CA GLN D 218 -3.54 7.76 -23.61
C GLN D 218 -3.98 8.13 -25.03
N ARG D 219 -5.15 7.66 -25.47
CA ARG D 219 -5.74 8.04 -26.73
C ARG D 219 -7.15 8.51 -26.40
N ASP D 220 -7.46 9.80 -26.68
CA ASP D 220 -8.71 10.47 -26.22
C ASP D 220 -8.92 10.28 -24.71
N GLY D 221 -7.84 10.31 -23.94
CA GLY D 221 -7.97 10.07 -22.50
C GLY D 221 -8.11 8.63 -22.02
N GLU D 222 -8.02 7.67 -22.92
CA GLU D 222 -8.13 6.28 -22.50
C GLU D 222 -6.75 5.60 -22.61
N ASP D 223 -6.46 4.80 -21.60
CA ASP D 223 -5.16 4.17 -21.46
C ASP D 223 -4.88 3.12 -22.52
N GLN D 224 -3.68 3.20 -23.09
CA GLN D 224 -3.22 2.35 -24.16
C GLN D 224 -2.23 1.30 -23.64
N THR D 225 -2.48 0.80 -22.44
CA THR D 225 -1.52 -0.04 -21.73
C THR D 225 -1.05 -1.28 -22.52
N GLN D 226 -1.99 -1.98 -23.15
CA GLN D 226 -1.69 -3.14 -24.01
C GLN D 226 -1.08 -2.85 -25.36
N ASP D 227 -1.22 -1.64 -25.86
CA ASP D 227 -0.58 -1.28 -27.12
C ASP D 227 0.66 -0.36 -26.95
N THR D 228 1.19 -0.29 -25.73
CA THR D 228 2.37 0.51 -25.41
C THR D 228 3.59 -0.41 -25.26
N GLU D 229 4.65 -0.12 -26.01
CA GLU D 229 5.93 -0.69 -25.68
C GLU D 229 6.64 0.17 -24.61
N LEU D 230 6.89 -0.41 -23.44
CA LEU D 230 7.38 0.29 -22.28
C LEU D 230 8.69 -0.40 -21.87
N VAL D 231 9.81 0.27 -21.99
CA VAL D 231 11.06 -0.35 -21.60
C VAL D 231 11.33 -0.29 -20.07
N GLU D 232 12.09 -1.25 -19.56
CA GLU D 232 12.58 -1.20 -18.17
C GLU D 232 13.40 0.09 -17.94
N THR D 233 13.13 0.77 -16.83
CA THR D 233 13.86 1.93 -16.36
C THR D 233 15.36 1.53 -16.28
N ARG D 234 16.24 2.37 -16.83
CA ARG D 234 17.62 1.96 -17.00
C ARG D 234 18.54 3.07 -16.46
N PRO D 235 19.74 2.70 -15.93
CA PRO D 235 20.62 3.72 -15.40
C PRO D 235 21.34 4.46 -16.52
N ALA D 236 21.49 5.76 -16.39
CA ALA D 236 22.25 6.53 -17.39
C ALA D 236 23.75 6.36 -17.17
N GLY D 237 24.11 5.99 -15.94
CA GLY D 237 25.47 5.69 -15.56
C GLY D 237 26.04 6.84 -14.77
N ASP D 238 25.29 7.92 -14.63
CA ASP D 238 25.76 9.04 -13.83
C ASP D 238 24.95 9.26 -12.58
N GLY D 239 24.27 8.23 -12.06
CA GLY D 239 23.47 8.43 -10.85
C GLY D 239 22.02 8.80 -11.18
N THR D 240 21.70 8.98 -12.47
CA THR D 240 20.28 9.20 -12.85
C THR D 240 19.72 8.08 -13.76
N PHE D 241 18.42 8.16 -14.09
CA PHE D 241 17.69 7.06 -14.74
C PHE D 241 16.98 7.56 -16.00
N GLN D 242 16.62 6.63 -16.90
CA GLN D 242 15.98 6.90 -18.20
C GLN D 242 14.84 5.92 -18.35
N LYS D 243 13.76 6.34 -19.03
CA LYS D 243 12.70 5.39 -19.39
C LYS D 243 12.03 5.93 -20.65
N TRP D 244 11.58 5.03 -21.54
CA TRP D 244 10.67 5.44 -22.60
C TRP D 244 9.40 4.57 -22.78
N ALA D 245 8.40 5.16 -23.42
CA ALA D 245 7.15 4.47 -23.79
C ALA D 245 6.78 4.83 -25.23
N ALA D 246 6.46 3.84 -26.04
CA ALA D 246 6.14 4.04 -27.45
C ALA D 246 4.84 3.40 -27.87
N VAL D 247 4.10 4.11 -28.72
CA VAL D 247 2.90 3.62 -29.37
C VAL D 247 3.04 3.83 -30.90
N VAL D 248 2.56 2.85 -31.66
CA VAL D 248 2.48 2.94 -33.10
C VAL D 248 1.07 3.37 -33.45
N VAL D 249 0.95 4.40 -34.30
CA VAL D 249 -0.28 5.18 -34.38
C VAL D 249 -0.57 5.36 -35.83
N PRO D 250 -1.86 5.37 -36.25
CA PRO D 250 -2.09 5.77 -37.66
C PRO D 250 -1.85 7.28 -37.91
N SER D 251 -1.12 7.58 -39.00
CA SER D 251 -0.81 8.97 -39.41
C SER D 251 -2.11 9.76 -39.54
N GLY D 252 -2.15 10.95 -38.94
CA GLY D 252 -3.35 11.73 -38.94
C GLY D 252 -4.03 11.70 -37.60
N GLN D 253 -3.67 10.74 -36.73
CA GLN D 253 -4.37 10.58 -35.44
C GLN D 253 -3.49 10.95 -34.26
N GLU D 254 -2.28 11.43 -34.54
CA GLU D 254 -1.32 11.81 -33.49
C GLU D 254 -1.91 12.71 -32.39
N GLN D 255 -2.78 13.63 -32.76
CA GLN D 255 -3.39 14.60 -31.83
C GLN D 255 -4.34 13.99 -30.80
N ARG D 256 -4.83 12.79 -31.08
CA ARG D 256 -5.62 12.03 -30.08
C ARG D 256 -4.75 11.50 -28.93
N TYR D 257 -3.43 11.46 -29.12
CA TYR D 257 -2.50 10.79 -28.17
C TYR D 257 -1.74 11.73 -27.27
N THR D 258 -1.74 11.39 -25.96
CA THR D 258 -1.05 12.17 -24.98
C THR D 258 -0.18 11.26 -24.12
N CYS D 259 0.99 11.76 -23.75
CA CYS D 259 1.93 11.00 -22.91
C CYS D 259 1.89 11.62 -21.54
N HIS D 260 1.86 10.77 -20.51
CA HIS D 260 1.64 11.19 -19.14
C HIS D 260 2.82 10.78 -18.27
N VAL D 261 3.37 11.74 -17.53
CA VAL D 261 4.59 11.42 -16.79
C VAL D 261 4.37 11.75 -15.32
N GLN D 262 4.61 10.78 -14.43
CA GLN D 262 4.46 11.01 -13.01
C GLN D 262 5.78 10.63 -12.31
N HIS D 263 6.25 11.50 -11.43
CA HIS D 263 7.57 11.37 -10.77
C HIS D 263 7.53 12.27 -9.57
N GLU D 264 8.18 11.85 -8.48
CA GLU D 264 8.15 12.65 -7.26
C GLU D 264 8.80 14.07 -7.31
N GLY D 265 9.65 14.34 -8.32
CA GLY D 265 10.15 15.72 -8.53
C GLY D 265 9.29 16.59 -9.41
N LEU D 266 8.16 16.06 -9.88
CA LEU D 266 7.19 16.85 -10.61
C LEU D 266 6.06 17.18 -9.65
N PRO D 267 5.94 18.48 -9.29
CA PRO D 267 4.84 19.02 -8.47
C PRO D 267 3.48 18.63 -9.03
N LYS D 268 3.30 18.68 -10.36
CA LYS D 268 2.14 18.09 -11.06
C LYS D 268 2.63 17.12 -12.15
N PRO D 269 1.89 16.00 -12.38
CA PRO D 269 2.10 15.13 -13.52
C PRO D 269 2.08 15.91 -14.84
N LEU D 270 2.95 15.53 -15.74
CA LEU D 270 3.07 16.15 -17.06
C LEU D 270 2.14 15.49 -18.05
N THR D 271 1.47 16.29 -18.86
CA THR D 271 0.77 15.78 -20.03
C THR D 271 1.41 16.39 -21.28
N LEU D 272 1.95 15.55 -22.14
CA LEU D 272 2.61 16.00 -23.34
C LEU D 272 1.69 15.69 -24.52
N ARG D 273 1.53 16.66 -25.42
CA ARG D 273 0.50 16.65 -26.49
C ARG D 273 1.03 16.90 -27.90
N TRP D 274 0.28 16.47 -28.92
CA TRP D 274 0.64 16.69 -30.32
C TRP D 274 -0.17 17.82 -31.04
N GLU D 275 -0.99 18.54 -30.29
CA GLU D 275 -1.54 19.83 -30.73
C GLU D 275 -1.22 20.93 -29.70
N MET E 1 17.10 -26.14 -12.88
CA MET E 1 17.47 -24.74 -12.57
C MET E 1 16.66 -23.79 -13.39
N ILE E 2 16.23 -22.74 -12.69
CA ILE E 2 15.74 -21.49 -13.28
C ILE E 2 16.78 -20.88 -14.20
N GLN E 3 16.31 -20.57 -15.39
CA GLN E 3 17.09 -19.91 -16.39
C GLN E 3 16.19 -18.85 -16.94
N ARG E 4 16.65 -17.59 -16.86
CA ARG E 4 15.92 -16.42 -17.35
C ARG E 4 16.78 -15.67 -18.36
N THR E 5 16.17 -15.26 -19.47
CA THR E 5 16.87 -14.62 -20.60
C THR E 5 17.18 -13.14 -20.30
N PRO E 6 18.38 -12.63 -20.67
CA PRO E 6 18.64 -11.20 -20.49
C PRO E 6 17.77 -10.30 -21.40
N LYS E 7 17.29 -9.18 -20.86
CA LYS E 7 16.65 -8.13 -21.66
C LYS E 7 17.84 -7.19 -21.96
N ILE E 8 17.98 -6.69 -23.19
CA ILE E 8 19.21 -5.93 -23.54
C ILE E 8 18.81 -4.55 -24.03
N GLN E 9 19.38 -3.50 -23.42
CA GLN E 9 19.23 -2.16 -23.97
C GLN E 9 20.58 -1.55 -24.20
N VAL E 10 20.77 -1.00 -25.40
CA VAL E 10 21.98 -0.30 -25.84
C VAL E 10 21.59 1.15 -26.09
N TYR E 11 22.27 2.09 -25.45
CA TYR E 11 21.83 3.48 -25.46
C TYR E 11 22.95 4.41 -25.00
N SER E 12 22.76 5.70 -25.21
CA SER E 12 23.72 6.67 -24.76
C SER E 12 23.26 7.30 -23.44
N ARG E 13 24.23 7.76 -22.67
CA ARG E 13 23.99 8.46 -21.41
C ARG E 13 23.32 9.80 -21.70
N HIS E 14 23.81 10.52 -22.72
CA HIS E 14 23.26 11.83 -23.08
C HIS E 14 22.68 11.66 -24.46
N PRO E 15 21.69 12.52 -24.88
CA PRO E 15 21.23 12.54 -26.26
C PRO E 15 22.39 12.68 -27.22
N ALA E 16 22.50 11.76 -28.18
CA ALA E 16 23.58 11.72 -29.14
C ALA E 16 23.70 13.02 -29.93
N GLU E 17 24.88 13.59 -29.94
CA GLU E 17 25.17 14.69 -30.86
C GLU E 17 26.50 14.32 -31.54
N ASN E 18 26.55 14.37 -32.87
CA ASN E 18 27.74 13.96 -33.60
C ASN E 18 28.97 14.79 -33.30
N GLY E 19 30.09 14.11 -33.04
CA GLY E 19 31.34 14.80 -32.68
C GLY E 19 31.45 15.27 -31.24
N LYS E 20 30.47 14.91 -30.41
CA LYS E 20 30.52 15.25 -28.99
C LYS E 20 30.59 13.99 -28.17
N SER E 21 31.55 13.95 -27.24
CA SER E 21 31.76 12.73 -26.42
C SER E 21 30.63 12.46 -25.44
N ASN E 22 30.46 11.19 -25.15
CA ASN E 22 29.27 10.68 -24.53
C ASN E 22 29.68 9.36 -23.88
N PHE E 23 28.70 8.58 -23.39
CA PHE E 23 28.96 7.24 -22.88
C PHE E 23 28.00 6.24 -23.53
N LEU E 24 28.54 5.17 -24.08
CA LEU E 24 27.73 4.10 -24.65
C LEU E 24 27.48 3.03 -23.57
N ASN E 25 26.19 2.71 -23.35
CA ASN E 25 25.68 1.83 -22.29
C ASN E 25 25.07 0.57 -22.89
N CYS E 26 25.40 -0.60 -22.32
CA CYS E 26 24.63 -1.82 -22.59
C CYS E 26 24.11 -2.29 -21.26
N TYR E 27 22.80 -2.24 -21.11
CA TYR E 27 22.15 -2.65 -19.89
C TYR E 27 21.48 -4.01 -20.12
N VAL E 28 21.94 -4.99 -19.34
CA VAL E 28 21.40 -6.36 -19.35
C VAL E 28 20.71 -6.60 -18.01
N SER E 29 19.42 -6.95 -18.07
CA SER E 29 18.67 -7.16 -16.87
C SER E 29 17.81 -8.43 -16.99
N GLY E 30 17.25 -8.90 -15.85
CA GLY E 30 16.26 -9.98 -15.87
C GLY E 30 16.83 -11.36 -16.11
N PHE E 31 18.13 -11.56 -15.96
CA PHE E 31 18.76 -12.83 -16.30
C PHE E 31 19.08 -13.70 -15.09
N HIS E 32 19.14 -15.02 -15.29
CA HIS E 32 19.56 -15.95 -14.26
C HIS E 32 20.01 -17.19 -15.00
N PRO E 33 21.14 -17.82 -14.61
CA PRO E 33 22.10 -17.46 -13.58
C PRO E 33 22.99 -16.27 -14.03
N SER E 34 23.96 -15.90 -13.19
CA SER E 34 24.65 -14.60 -13.31
C SER E 34 25.73 -14.57 -14.37
N ASP E 35 26.20 -15.74 -14.79
CA ASP E 35 27.17 -15.83 -15.86
C ASP E 35 26.64 -15.25 -17.18
N ILE E 36 27.35 -14.25 -17.71
CA ILE E 36 26.95 -13.57 -18.94
C ILE E 36 28.25 -13.04 -19.58
N GLU E 37 28.25 -12.96 -20.90
CA GLU E 37 29.33 -12.34 -21.71
C GLU E 37 28.66 -11.17 -22.37
N VAL E 38 29.22 -9.98 -22.16
CA VAL E 38 28.72 -8.77 -22.79
C VAL E 38 29.91 -8.02 -23.47
N ASP E 39 29.74 -7.65 -24.74
CA ASP E 39 30.78 -6.88 -25.43
C ASP E 39 30.16 -5.71 -26.10
N LEU E 40 30.86 -4.60 -26.11
CA LEU E 40 30.37 -3.46 -26.85
C LEU E 40 31.17 -3.48 -28.13
N LEU E 41 30.50 -3.20 -29.26
CA LEU E 41 31.19 -3.24 -30.57
C LEU E 41 31.14 -1.90 -31.25
N LYS E 42 32.19 -1.59 -32.00
CA LYS E 42 32.23 -0.42 -32.86
C LYS E 42 32.56 -0.93 -34.24
N ASN E 43 31.65 -0.71 -35.19
CA ASN E 43 31.74 -1.27 -36.53
C ASN E 43 32.02 -2.79 -36.52
N GLY E 44 31.34 -3.50 -35.63
CA GLY E 44 31.60 -4.93 -35.49
C GLY E 44 32.86 -5.41 -34.74
N GLU E 45 33.71 -4.50 -34.25
CA GLU E 45 34.94 -4.87 -33.57
C GLU E 45 34.78 -4.59 -32.07
N ARG E 46 35.33 -5.47 -31.25
CA ARG E 46 35.25 -5.32 -29.82
C ARG E 46 36.01 -4.08 -29.35
N ILE E 47 35.35 -3.30 -28.51
CA ILE E 47 35.94 -2.14 -27.82
C ILE E 47 36.65 -2.63 -26.53
N GLU E 48 37.92 -2.25 -26.36
CA GLU E 48 38.76 -2.72 -25.26
C GLU E 48 38.54 -2.03 -23.89
N LYS E 49 38.11 -0.79 -23.89
CA LYS E 49 38.05 0.00 -22.64
C LYS E 49 36.62 -0.02 -22.10
N VAL E 50 36.17 -1.20 -21.64
CA VAL E 50 34.74 -1.37 -21.29
C VAL E 50 34.64 -1.71 -19.83
N GLU E 51 33.93 -0.88 -19.07
CA GLU E 51 33.78 -1.20 -17.65
C GLU E 51 32.38 -1.71 -17.40
N HIS E 52 32.20 -2.33 -16.23
CA HIS E 52 30.87 -2.72 -15.81
C HIS E 52 30.57 -2.42 -14.34
N SER E 53 29.26 -2.24 -14.07
CA SER E 53 28.68 -2.07 -12.73
C SER E 53 28.91 -3.34 -11.88
N ASP E 54 28.78 -3.26 -10.56
CA ASP E 54 28.84 -4.46 -9.74
C ASP E 54 27.51 -5.23 -9.81
N LEU E 55 27.64 -6.54 -9.92
CA LEU E 55 26.51 -7.46 -9.94
C LEU E 55 25.52 -7.19 -8.86
N SER E 56 24.31 -6.91 -9.31
CA SER E 56 23.22 -6.76 -8.41
C SER E 56 21.94 -7.44 -8.95
N PHE E 57 20.85 -7.36 -8.21
CA PHE E 57 19.65 -8.08 -8.64
C PHE E 57 18.36 -7.41 -8.22
N SER E 58 17.24 -7.75 -8.88
CA SER E 58 15.95 -7.10 -8.56
C SER E 58 15.16 -7.93 -7.54
N LYS E 59 13.97 -7.45 -7.16
CA LYS E 59 13.04 -8.15 -6.25
C LYS E 59 12.75 -9.60 -6.61
N ASP E 60 12.62 -9.87 -7.90
CA ASP E 60 12.37 -11.22 -8.33
C ASP E 60 13.65 -12.11 -8.42
N TRP E 61 14.79 -11.60 -7.93
CA TRP E 61 16.10 -12.33 -7.89
C TRP E 61 16.91 -12.28 -9.17
N SER E 62 16.31 -11.71 -10.21
CA SER E 62 17.00 -11.73 -11.47
C SER E 62 18.04 -10.59 -11.52
N PHE E 63 19.12 -10.86 -12.22
CA PHE E 63 20.31 -10.05 -12.18
C PHE E 63 20.27 -8.90 -13.16
N TYR E 64 21.06 -7.88 -12.86
CA TYR E 64 21.30 -6.80 -13.81
C TYR E 64 22.71 -6.27 -13.74
N LEU E 65 23.24 -5.89 -14.90
CA LEU E 65 24.54 -5.25 -15.06
C LEU E 65 24.49 -4.14 -16.14
N LEU E 66 25.25 -3.10 -15.88
CA LEU E 66 25.53 -2.07 -16.84
C LEU E 66 26.96 -2.15 -17.36
N TYR E 67 27.10 -2.30 -18.67
CA TYR E 67 28.39 -2.19 -19.30
C TYR E 67 28.46 -0.86 -20.01
N TYR E 68 29.62 -0.23 -19.95
CA TYR E 68 29.74 1.15 -20.45
C TYR E 68 31.14 1.54 -20.92
N THR E 69 31.15 2.42 -21.93
CA THR E 69 32.36 2.96 -22.46
C THR E 69 32.18 4.42 -22.95
N GLU E 70 33.24 5.22 -22.86
CA GLU E 70 33.22 6.55 -23.39
C GLU E 70 33.29 6.42 -24.90
N PHE E 71 32.58 7.28 -25.64
CA PHE E 71 32.65 7.27 -27.11
C PHE E 71 32.21 8.59 -27.67
N THR E 72 32.55 8.82 -28.93
CA THR E 72 32.13 10.01 -29.63
C THR E 72 31.40 9.54 -30.88
N PRO E 73 30.03 9.63 -30.86
CA PRO E 73 29.18 9.26 -32.00
C PRO E 73 29.48 10.13 -33.20
N THR E 74 29.45 9.51 -34.36
CA THR E 74 29.63 10.18 -35.62
C THR E 74 28.49 9.65 -36.45
N GLU E 75 28.28 10.22 -37.63
CA GLU E 75 27.16 9.84 -38.46
C GLU E 75 27.30 8.42 -39.03
N LYS E 76 28.54 8.03 -39.34
CA LYS E 76 28.86 6.74 -40.00
C LYS E 76 29.16 5.51 -39.11
N ASP E 77 29.63 5.71 -37.87
CA ASP E 77 30.02 4.56 -37.01
C ASP E 77 28.83 3.85 -36.42
N GLU E 78 28.82 2.53 -36.56
CA GLU E 78 27.76 1.74 -35.94
C GLU E 78 28.24 1.08 -34.64
N TYR E 79 27.38 1.17 -33.63
CA TYR E 79 27.65 0.64 -32.32
C TYR E 79 26.63 -0.47 -32.00
N ALA E 80 27.03 -1.43 -31.16
CA ALA E 80 26.21 -2.60 -30.82
C ALA E 80 26.66 -3.20 -29.50
N CYS E 81 25.76 -3.95 -28.86
CA CYS E 81 26.09 -4.80 -27.73
C CYS E 81 25.89 -6.28 -28.14
N ARG E 82 26.93 -7.10 -27.96
CA ARG E 82 26.84 -8.54 -28.15
C ARG E 82 26.71 -9.24 -26.80
N VAL E 83 25.67 -10.08 -26.62
CA VAL E 83 25.38 -10.73 -25.31
C VAL E 83 25.29 -12.23 -25.49
N ASN E 84 25.93 -13.00 -24.60
CA ASN E 84 25.73 -14.43 -24.67
C ASN E 84 25.42 -14.89 -23.26
N HIS E 85 24.65 -15.96 -23.14
CA HIS E 85 24.09 -16.41 -21.86
C HIS E 85 23.56 -17.81 -22.16
N VAL E 86 23.49 -18.68 -21.13
CA VAL E 86 23.04 -20.08 -21.29
C VAL E 86 21.63 -20.18 -21.94
N THR E 87 20.80 -19.15 -21.82
CA THR E 87 19.47 -19.15 -22.43
C THR E 87 19.47 -18.73 -23.90
N LEU E 88 20.61 -18.32 -24.44
CA LEU E 88 20.68 -17.93 -25.83
C LEU E 88 21.47 -19.02 -26.55
N SER E 89 20.89 -19.55 -27.63
CA SER E 89 21.57 -20.59 -28.38
C SER E 89 22.73 -20.02 -29.24
N GLN E 90 22.71 -18.70 -29.47
CA GLN E 90 23.80 -17.98 -30.14
C GLN E 90 23.95 -16.61 -29.52
N PRO E 91 25.14 -15.98 -29.67
CA PRO E 91 25.24 -14.62 -29.18
C PRO E 91 24.23 -13.68 -29.85
N LYS E 92 23.68 -12.77 -29.04
CA LYS E 92 22.63 -11.88 -29.50
C LYS E 92 23.22 -10.48 -29.65
N ILE E 93 22.95 -9.89 -30.80
CA ILE E 93 23.52 -8.60 -31.08
C ILE E 93 22.42 -7.57 -31.20
N VAL E 94 22.53 -6.52 -30.39
CA VAL E 94 21.57 -5.41 -30.42
C VAL E 94 22.25 -4.15 -30.94
N LYS E 95 21.77 -3.58 -32.04
CA LYS E 95 22.37 -2.37 -32.60
C LYS E 95 21.97 -1.15 -31.79
N TRP E 96 22.91 -0.23 -31.61
CA TRP E 96 22.59 1.12 -31.05
C TRP E 96 21.72 1.94 -32.00
N ASP E 97 20.59 2.39 -31.52
CA ASP E 97 19.75 3.27 -32.34
C ASP E 97 19.59 4.49 -31.45
N ARG E 98 20.01 5.65 -31.94
CA ARG E 98 20.16 6.90 -31.19
C ARG E 98 18.84 7.66 -31.08
N ASP E 99 18.22 7.85 -32.25
CA ASP E 99 17.05 8.72 -32.49
C ASP E 99 15.89 7.87 -32.13
N MET E 100 15.83 7.36 -30.91
CA MET E 100 14.58 6.75 -30.60
C MET E 100 13.59 7.89 -30.27
N LEU F 1 25.80 0.38 7.00
CA LEU F 1 26.55 -0.59 7.85
C LEU F 1 25.93 -2.00 7.69
N LEU F 2 26.78 -2.99 7.47
CA LEU F 2 26.35 -4.41 7.37
C LEU F 2 25.90 -4.98 8.69
N PHE F 3 25.07 -6.03 8.58
CA PHE F 3 24.74 -6.86 9.72
C PHE F 3 26.01 -7.58 10.18
N GLY F 4 26.17 -7.70 11.48
CA GLY F 4 27.39 -8.28 12.00
C GLY F 4 27.27 -9.76 12.28
N TYR F 5 26.08 -10.35 12.18
CA TYR F 5 25.93 -11.77 12.60
C TYR F 5 25.24 -12.73 11.59
N PRO F 6 25.77 -12.86 10.35
CA PRO F 6 25.16 -13.83 9.46
C PRO F 6 25.29 -15.25 10.03
N VAL F 7 24.21 -16.02 9.87
CA VAL F 7 24.10 -17.36 10.44
C VAL F 7 23.82 -18.36 9.29
N TYR F 8 24.45 -19.54 9.35
CA TYR F 8 24.25 -20.59 8.35
C TYR F 8 22.79 -21.02 8.18
N VAL F 9 22.40 -21.31 6.93
CA VAL F 9 21.07 -21.91 6.65
C VAL F 9 20.90 -23.29 7.33
#